data_6TY4
#
_entry.id   6TY4
#
loop_
_entity.id
_entity.type
_entity.pdbx_description
1 polymer 'Focal adhesion kinase 1'
2 non-polymer 'MAGNESIUM ION'
3 non-polymer 'PHOSPHOAMINOPHOSPHONIC ACID-ADENYLATE ESTER'
#
_entity_poly.entity_id   1
_entity_poly.type   'polypeptide(L)'
_entity_poly.pdbx_seq_one_letter_code
;GPGAMERVLKVFHYFENSSEPTTWASIIRHGDATDVRGIIQKIVDCHKVKNVACYGLRLSHLQSEEVHWLHLDMGVSNVR
EKFELAHPPEEWKYELRIRYLPKGFLNQFTEDKPTLNFFYQQVKNDYMLEIADQVDQEIALKLGCLEIRRSYGEMRGNAL
EKKSNYEVLEKDVGLRRFFPKSLLDSVKAKTLRKLIQQTFRQFANLNREESILKFFEILSPVYRFDKECFKCALGSSWII
SVELAIGPEEGISYLTDKGANPTHLADFNQVQTIQYSNSEDKDRKGMLQLKIAGAPEPLTVTAPSLTIAENMADLIDGYC
RLVNGATQSFIIRPQKEGERALPSIPKLANNEKQGVRSHTVSVSETDDYAEIIDEEDTYTMPSTRDYEIQRERIELGRCI
GEGQFGDVHQGIYMSPENPAMAVAIKTCKNCTSDSVREKFLQEALTMRQFDHPHIVKLIGVITENPVWIIMELCTLGELR
SFLQVRKFSLDLASLILYAYQLSTALAYLESKRFVHRDIAARNVLVSATDCVKLGDFGLSRYMEDSTYYKASKGKLPIKW
MAPESINFRRFTSASDVWMFGVCMWEILMHGVKPFQGVKNNDVIGRIENGERLPMPPNCPPTLYSLMTKCWAYDPSRRPR
FTELKAQLSTILEEEKLQ
;
_entity_poly.pdbx_strand_id   A,B
#
# COMPACT_ATOMS: atom_id res chain seq x y z
N GLU A 6 6.70 -14.62 16.63
CA GLU A 6 6.06 -13.32 16.91
C GLU A 6 4.53 -13.50 16.94
N ARG A 7 3.91 -13.23 18.10
CA ARG A 7 2.47 -13.37 18.25
C ARG A 7 1.78 -12.02 18.48
N VAL A 8 0.97 -11.61 17.51
CA VAL A 8 0.26 -10.34 17.60
C VAL A 8 -1.25 -10.53 17.39
N LEU A 9 -2.05 -9.85 18.21
CA LEU A 9 -3.50 -10.00 18.11
C LEU A 9 -4.26 -8.68 18.07
N LYS A 10 -5.29 -8.64 17.23
CA LYS A 10 -6.11 -7.45 17.15
C LYS A 10 -7.41 -7.71 17.89
N VAL A 11 -7.70 -6.87 18.88
CA VAL A 11 -8.89 -7.01 19.70
C VAL A 11 -9.75 -5.77 19.67
N PHE A 12 -10.94 -5.88 19.06
CA PHE A 12 -11.84 -4.72 19.01
C PHE A 12 -12.44 -4.54 20.39
N HIS A 13 -12.84 -3.31 20.68
CA HIS A 13 -13.43 -2.99 21.97
C HIS A 13 -14.30 -1.74 21.85
N TYR A 14 -14.87 -1.31 22.97
CA TYR A 14 -15.73 -0.14 22.98
C TYR A 14 -15.24 1.02 23.84
N PHE A 15 -13.92 1.14 23.98
CA PHE A 15 -13.32 2.25 24.70
C PHE A 15 -13.19 3.34 23.63
N GLU A 16 -13.89 4.46 23.85
CA GLU A 16 -14.01 5.55 22.86
C GLU A 16 -12.65 6.04 22.36
N ASN A 17 -12.56 6.22 21.03
CA ASN A 17 -11.37 6.70 20.28
C ASN A 17 -11.82 7.83 19.34
N SER A 18 -10.89 8.67 18.89
CA SER A 18 -11.24 9.81 17.99
C SER A 18 -10.96 9.42 16.54
N SER A 19 -12.04 9.46 15.74
CA SER A 19 -12.33 9.14 14.30
C SER A 19 -13.59 8.22 14.37
N GLU A 20 -13.78 7.15 13.56
CA GLU A 20 -15.03 6.35 13.49
C GLU A 20 -15.19 5.29 14.57
N PRO A 21 -16.45 5.17 15.11
CA PRO A 21 -16.77 4.55 16.42
C PRO A 21 -16.40 3.12 16.81
N THR A 22 -16.20 2.24 15.82
CA THR A 22 -15.81 0.84 16.03
C THR A 22 -14.55 0.49 15.26
N THR A 23 -13.66 1.46 15.07
CA THR A 23 -12.30 1.23 14.59
C THR A 23 -11.35 1.30 15.76
N TRP A 24 -11.78 0.69 16.85
CA TRP A 24 -11.10 0.78 18.14
C TRP A 24 -10.36 -0.53 18.31
N ALA A 25 -9.09 -0.50 17.92
CA ALA A 25 -8.36 -1.69 17.51
C ALA A 25 -7.19 -1.94 18.44
N SER A 26 -7.18 -3.10 19.07
CA SER A 26 -6.10 -3.51 19.95
C SER A 26 -4.97 -4.12 19.14
N ILE A 27 -3.78 -3.54 19.32
CA ILE A 27 -2.50 -4.08 18.77
C ILE A 27 -1.88 -4.75 20.00
N ILE A 28 -2.08 -6.06 20.14
CA ILE A 28 -1.59 -6.75 21.36
C ILE A 28 -0.48 -7.72 20.98
N ARG A 29 0.68 -7.53 21.61
CA ARG A 29 1.81 -8.43 21.37
C ARG A 29 1.79 -9.30 22.62
N HIS A 30 1.81 -10.61 22.46
CA HIS A 30 1.77 -11.49 23.61
C HIS A 30 2.71 -12.70 23.49
N GLY A 31 2.80 -13.48 24.56
CA GLY A 31 3.66 -14.64 24.58
C GLY A 31 2.93 -15.95 24.31
N ASP A 32 3.70 -17.03 24.28
CA ASP A 32 3.18 -18.36 24.01
C ASP A 32 2.29 -18.90 25.12
N ALA A 33 2.45 -18.39 26.34
CA ALA A 33 1.64 -18.87 27.44
C ALA A 33 0.59 -17.86 27.89
N THR A 34 0.51 -16.77 27.13
CA THR A 34 -0.30 -15.62 27.55
C THR A 34 -1.76 -16.04 27.77
N ASP A 35 -2.24 -15.78 28.98
CA ASP A 35 -3.66 -16.01 29.34
C ASP A 35 -4.43 -14.76 28.91
N VAL A 36 -5.76 -14.87 28.80
CA VAL A 36 -6.65 -13.72 28.49
C VAL A 36 -6.62 -12.76 29.68
N ARG A 37 -6.35 -13.31 30.88
CA ARG A 37 -6.32 -12.55 32.16
C ARG A 37 -5.33 -11.38 32.07
N GLY A 38 -4.07 -11.66 31.77
CA GLY A 38 -3.08 -10.60 31.75
C GLY A 38 -3.21 -9.70 30.54
N ILE A 39 -3.65 -10.26 29.41
CA ILE A 39 -3.89 -9.45 28.22
C ILE A 39 -4.86 -8.34 28.54
N ILE A 40 -6.05 -8.72 28.99
CA ILE A 40 -7.10 -7.74 29.22
C ILE A 40 -6.75 -6.89 30.41
N GLN A 41 -5.95 -7.46 31.32
CA GLN A 41 -5.46 -6.71 32.50
C GLN A 41 -4.68 -5.51 31.95
N LYS A 42 -3.79 -5.76 30.99
CA LYS A 42 -3.03 -4.70 30.35
C LYS A 42 -3.96 -3.73 29.63
N ILE A 43 -4.95 -4.26 28.91
CA ILE A 43 -5.80 -3.44 28.08
C ILE A 43 -6.57 -2.44 28.93
N VAL A 44 -6.98 -2.85 30.11
CA VAL A 44 -7.77 -1.98 30.97
C VAL A 44 -6.87 -1.08 31.80
N ASP A 45 -5.69 -1.57 32.18
CA ASP A 45 -4.73 -0.72 32.85
C ASP A 45 -4.27 0.40 31.93
N CYS A 46 -4.40 0.21 30.61
CA CYS A 46 -4.21 1.28 29.67
C CYS A 46 -5.34 2.31 29.73
N HIS A 47 -6.40 2.07 30.49
CA HIS A 47 -7.53 2.98 30.58
C HIS A 47 -7.98 3.25 32.00
N LYS A 48 -7.16 2.88 33.00
CA LYS A 48 -7.41 3.17 34.45
C LYS A 48 -8.86 2.83 34.85
N VAL A 49 -9.14 1.54 34.98
CA VAL A 49 -10.48 1.02 35.21
C VAL A 49 -10.49 0.17 36.48
N LYS A 50 -11.64 0.13 37.14
CA LYS A 50 -11.86 -0.70 38.30
C LYS A 50 -12.22 -2.14 37.93
N ASN A 51 -13.22 -2.28 37.07
CA ASN A 51 -13.84 -3.57 36.81
C ASN A 51 -12.85 -4.52 36.15
N VAL A 52 -12.68 -5.69 36.77
CA VAL A 52 -11.49 -6.51 36.58
C VAL A 52 -11.84 -7.90 36.10
N ALA A 53 -12.83 -8.54 36.70
CA ALA A 53 -13.26 -9.89 36.36
C ALA A 53 -14.57 -9.87 35.60
N CYS A 54 -14.71 -8.87 34.75
CA CYS A 54 -16.01 -8.41 34.29
C CYS A 54 -16.19 -8.53 32.79
N TYR A 55 -15.12 -8.38 32.03
CA TYR A 55 -15.21 -8.36 30.57
C TYR A 55 -15.07 -9.76 30.02
N GLY A 56 -16.03 -10.15 29.20
CA GLY A 56 -15.98 -11.42 28.50
C GLY A 56 -15.32 -11.32 27.14
N LEU A 57 -14.24 -12.06 26.96
CA LEU A 57 -13.54 -12.14 25.69
C LEU A 57 -14.25 -13.15 24.80
N ARG A 58 -14.39 -12.79 23.52
CA ARG A 58 -15.25 -13.52 22.59
C ARG A 58 -14.53 -13.68 21.25
N LEU A 59 -14.95 -14.70 20.50
CA LEU A 59 -14.47 -14.97 19.15
C LEU A 59 -15.44 -14.41 18.13
N SER A 60 -14.97 -14.29 16.88
CA SER A 60 -15.86 -13.83 15.82
C SER A 60 -15.31 -14.21 14.45
N HIS A 61 -16.18 -14.78 13.62
CA HIS A 61 -15.88 -15.20 12.25
C HIS A 61 -16.66 -14.29 11.32
N LEU A 62 -15.94 -13.50 10.52
CA LEU A 62 -16.55 -12.43 9.72
C LEU A 62 -17.69 -12.96 8.86
N GLN A 63 -17.50 -14.12 8.27
CA GLN A 63 -18.46 -14.71 7.34
C GLN A 63 -19.33 -15.77 7.99
N SER A 64 -19.64 -15.59 9.27
CA SER A 64 -20.52 -16.49 9.98
C SER A 64 -21.17 -15.71 11.10
N GLU A 65 -21.97 -16.43 11.91
CA GLU A 65 -22.71 -15.82 13.00
C GLU A 65 -22.58 -16.57 14.32
N GLU A 66 -22.12 -17.81 14.33
CA GLU A 66 -21.84 -18.51 15.58
C GLU A 66 -20.45 -18.13 16.06
N VAL A 67 -20.34 -17.90 17.36
CA VAL A 67 -19.14 -17.32 17.96
C VAL A 67 -18.73 -18.20 19.14
N HIS A 68 -17.73 -17.74 19.87
CA HIS A 68 -17.33 -18.36 21.14
C HIS A 68 -17.07 -17.23 22.12
N TRP A 69 -17.86 -17.16 23.18
CA TRP A 69 -17.50 -16.34 24.34
C TRP A 69 -16.32 -17.03 25.01
N LEU A 70 -15.13 -16.46 24.81
CA LEU A 70 -13.91 -17.21 25.04
C LEU A 70 -13.45 -17.17 26.49
N HIS A 71 -13.10 -18.35 26.99
CA HIS A 71 -12.50 -18.53 28.29
C HIS A 71 -11.17 -17.79 28.37
N LEU A 72 -10.64 -17.69 29.60
CA LEU A 72 -9.41 -16.96 29.85
C LEU A 72 -8.16 -17.84 29.81
N ASP A 73 -8.09 -18.83 30.70
CA ASP A 73 -6.89 -19.66 30.77
C ASP A 73 -6.75 -20.59 29.57
N MET A 74 -7.81 -20.75 28.77
CA MET A 74 -7.63 -21.38 27.48
C MET A 74 -6.63 -20.54 26.69
N GLY A 75 -5.48 -21.14 26.36
CA GLY A 75 -4.35 -20.35 25.89
C GLY A 75 -4.67 -19.55 24.65
N VAL A 76 -4.10 -18.35 24.57
CA VAL A 76 -4.32 -17.49 23.41
C VAL A 76 -3.83 -18.18 22.14
N SER A 77 -2.59 -18.66 22.17
CA SER A 77 -2.07 -19.41 21.05
C SER A 77 -2.87 -20.68 20.82
N ASN A 78 -3.47 -21.24 21.87
CA ASN A 78 -4.30 -22.42 21.68
C ASN A 78 -5.59 -22.08 20.93
N VAL A 79 -6.17 -20.90 21.17
CA VAL A 79 -7.27 -20.43 20.33
C VAL A 79 -6.80 -20.30 18.90
N ARG A 80 -5.64 -19.68 18.73
CA ARG A 80 -5.10 -19.44 17.40
C ARG A 80 -4.91 -20.75 16.66
N GLU A 81 -4.43 -21.77 17.35
CA GLU A 81 -4.41 -23.12 16.82
C GLU A 81 -5.83 -23.55 16.48
N LYS A 82 -6.64 -23.71 17.51
CA LYS A 82 -7.96 -24.34 17.44
C LYS A 82 -8.86 -23.75 16.37
N PHE A 83 -8.61 -22.50 15.95
CA PHE A 83 -9.41 -21.86 14.92
C PHE A 83 -8.58 -21.18 13.83
N GLU A 84 -7.35 -21.62 13.61
CA GLU A 84 -6.71 -21.46 12.31
C GLU A 84 -6.37 -22.79 11.67
N LEU A 85 -6.43 -23.87 12.43
CA LEU A 85 -6.67 -25.18 11.83
C LEU A 85 -7.99 -25.17 11.06
N ALA A 86 -8.92 -24.30 11.44
CA ALA A 86 -10.25 -24.27 10.85
C ALA A 86 -10.28 -23.52 9.52
N HIS A 87 -9.99 -22.23 9.54
CA HIS A 87 -10.17 -21.39 8.36
C HIS A 87 -9.13 -20.28 8.40
N PRO A 88 -8.99 -19.53 7.30
CA PRO A 88 -7.97 -18.48 7.27
C PRO A 88 -8.29 -17.35 8.23
N PRO A 89 -7.27 -16.64 8.73
CA PRO A 89 -7.51 -15.71 9.84
C PRO A 89 -8.30 -14.46 9.48
N GLU A 90 -8.13 -13.91 8.27
CA GLU A 90 -8.78 -12.64 7.94
C GLU A 90 -10.29 -12.73 8.00
N GLU A 91 -10.85 -13.93 7.92
CA GLU A 91 -12.25 -14.17 8.23
C GLU A 91 -12.45 -14.44 9.72
N TRP A 92 -11.44 -14.95 10.42
CA TRP A 92 -11.52 -15.00 11.88
C TRP A 92 -11.35 -13.60 12.45
N LYS A 93 -11.76 -13.45 13.71
CA LYS A 93 -11.70 -12.15 14.35
C LYS A 93 -11.97 -12.33 15.84
N TYR A 94 -11.40 -11.45 16.64
CA TYR A 94 -11.49 -11.50 18.08
C TYR A 94 -12.20 -10.26 18.61
N GLU A 95 -12.98 -10.46 19.65
CA GLU A 95 -13.86 -9.43 20.18
C GLU A 95 -13.89 -9.53 21.69
N LEU A 96 -13.79 -8.37 22.36
CA LEU A 96 -13.84 -8.30 23.81
C LEU A 96 -15.06 -7.49 24.22
N ARG A 97 -15.75 -7.96 25.26
CA ARG A 97 -17.02 -7.40 25.68
C ARG A 97 -17.19 -7.61 27.17
N ILE A 98 -18.07 -6.82 27.76
CA ILE A 98 -18.70 -7.25 28.99
C ILE A 98 -19.51 -8.48 28.68
N ARG A 99 -19.57 -9.37 29.65
CA ARG A 99 -20.59 -10.37 29.70
C ARG A 99 -21.29 -10.39 31.05
N TYR A 100 -20.81 -9.62 32.01
CA TYR A 100 -21.22 -9.73 33.40
C TYR A 100 -21.67 -8.40 33.97
N LEU A 101 -22.61 -8.48 34.90
CA LEU A 101 -23.28 -7.34 35.48
C LEU A 101 -23.64 -7.63 36.93
N PRO A 102 -23.21 -6.81 37.91
CA PRO A 102 -23.66 -7.08 39.28
C PRO A 102 -25.10 -6.64 39.44
N LYS A 103 -25.59 -6.68 40.68
CA LYS A 103 -26.99 -6.43 40.96
C LYS A 103 -27.43 -5.07 40.40
N GLY A 104 -26.89 -4.00 40.96
CA GLY A 104 -27.13 -2.66 40.45
C GLY A 104 -26.00 -2.31 39.51
N PHE A 105 -25.88 -3.05 38.42
CA PHE A 105 -24.76 -2.87 37.51
C PHE A 105 -24.65 -1.45 37.03
N LEU A 106 -25.77 -0.76 36.84
CA LEU A 106 -25.72 0.66 36.52
C LEU A 106 -24.99 1.44 37.61
N ASN A 107 -25.12 1.02 38.87
CA ASN A 107 -24.48 1.73 39.96
C ASN A 107 -23.02 1.31 40.14
N GLN A 108 -22.76 0.00 40.17
CA GLN A 108 -21.39 -0.45 40.30
C GLN A 108 -20.59 -0.25 39.01
N PHE A 109 -21.19 0.30 37.96
CA PHE A 109 -20.47 0.87 36.84
C PHE A 109 -20.61 2.37 36.76
N THR A 110 -21.53 2.96 37.52
CA THR A 110 -21.51 4.39 37.73
C THR A 110 -20.31 4.79 38.55
N GLU A 111 -19.87 3.92 39.45
CA GLU A 111 -18.60 4.16 40.12
C GLU A 111 -17.42 4.05 39.15
N ASP A 112 -17.59 3.35 38.04
CA ASP A 112 -16.54 3.11 37.04
C ASP A 112 -17.02 3.67 35.70
N LYS A 113 -16.84 4.98 35.53
CA LYS A 113 -17.28 5.65 34.31
C LYS A 113 -16.70 5.08 33.02
N PRO A 114 -15.41 4.76 32.92
CA PRO A 114 -14.94 4.25 31.64
C PRO A 114 -15.59 2.94 31.27
N THR A 115 -15.85 2.08 32.26
CA THR A 115 -16.60 0.87 31.96
C THR A 115 -18.05 1.18 31.65
N LEU A 116 -18.59 2.25 32.21
CA LEU A 116 -19.94 2.66 31.83
C LEU A 116 -19.98 3.00 30.34
N ASN A 117 -18.98 3.72 29.87
CA ASN A 117 -18.88 4.00 28.44
C ASN A 117 -18.65 2.72 27.64
N PHE A 118 -17.86 1.80 28.18
CA PHE A 118 -17.57 0.54 27.50
C PHE A 118 -18.84 -0.24 27.25
N PHE A 119 -19.60 -0.45 28.33
CA PHE A 119 -20.90 -1.10 28.25
C PHE A 119 -21.86 -0.33 27.36
N TYR A 120 -21.77 1.00 27.36
CA TYR A 120 -22.62 1.79 26.50
C TYR A 120 -22.39 1.42 25.05
N GLN A 121 -21.14 1.61 24.64
CA GLN A 121 -20.72 1.28 23.28
C GLN A 121 -21.10 -0.14 22.93
N GLN A 122 -20.97 -1.04 23.90
CA GLN A 122 -21.21 -2.46 23.69
C GLN A 122 -22.68 -2.75 23.42
N VAL A 123 -23.53 -2.37 24.36
CA VAL A 123 -24.96 -2.57 24.25
C VAL A 123 -25.46 -1.92 22.96
N LYS A 124 -25.00 -0.71 22.70
CA LYS A 124 -25.38 -0.03 21.49
C LYS A 124 -24.86 -0.75 20.26
N ASN A 125 -23.72 -1.40 20.38
CA ASN A 125 -23.21 -2.20 19.28
C ASN A 125 -24.26 -3.23 18.88
N ASP A 126 -24.60 -4.12 19.83
CA ASP A 126 -25.61 -5.14 19.56
C ASP A 126 -26.92 -4.53 19.06
N TYR A 127 -27.25 -3.35 19.58
CA TYR A 127 -28.44 -2.64 19.10
C TYR A 127 -28.33 -2.36 17.61
N MET A 128 -27.29 -1.64 17.23
CA MET A 128 -27.13 -1.24 15.86
C MET A 128 -26.91 -2.43 14.94
N LEU A 129 -26.40 -3.55 15.46
CA LEU A 129 -26.43 -4.79 14.70
C LEU A 129 -27.86 -5.18 14.37
N GLU A 130 -28.63 -5.43 15.42
CA GLU A 130 -29.81 -6.28 15.27
C GLU A 130 -31.08 -5.52 14.95
N ILE A 131 -31.28 -4.35 15.57
CA ILE A 131 -32.61 -3.76 15.67
C ILE A 131 -32.60 -2.30 15.23
N ALA A 132 -31.44 -1.83 14.73
CA ALA A 132 -31.26 -0.43 14.36
C ALA A 132 -32.32 0.03 13.36
N ASP A 133 -32.36 -0.60 12.20
CA ASP A 133 -33.31 -0.22 11.16
C ASP A 133 -34.69 -0.82 11.38
N GLN A 134 -34.95 -1.40 12.55
CA GLN A 134 -36.17 -2.18 12.79
C GLN A 134 -37.08 -1.54 13.83
N VAL A 135 -36.60 -1.28 15.04
CA VAL A 135 -37.49 -0.76 16.08
C VAL A 135 -37.92 0.65 15.68
N ASP A 136 -39.00 1.12 16.29
CA ASP A 136 -39.81 2.20 15.75
C ASP A 136 -39.10 3.55 15.76
N GLN A 137 -39.78 4.48 15.08
CA GLN A 137 -39.33 5.85 14.88
C GLN A 137 -38.93 6.51 16.19
N GLU A 138 -39.91 6.66 17.08
CA GLU A 138 -39.69 7.42 18.31
C GLU A 138 -38.64 6.76 19.18
N ILE A 139 -38.62 5.42 19.20
CA ILE A 139 -37.61 4.69 19.95
C ILE A 139 -36.23 5.13 19.52
N ALA A 140 -35.95 5.01 18.22
CA ALA A 140 -34.62 5.32 17.77
C ALA A 140 -34.34 6.82 17.80
N LEU A 141 -35.35 7.67 17.74
CA LEU A 141 -35.10 9.11 17.87
C LEU A 141 -34.62 9.43 19.27
N LYS A 142 -35.30 8.87 20.27
CA LYS A 142 -34.86 8.99 21.66
C LYS A 142 -33.42 8.53 21.79
N LEU A 143 -33.16 7.29 21.36
CA LEU A 143 -31.84 6.72 21.51
C LEU A 143 -30.80 7.53 20.76
N GLY A 144 -31.19 8.14 19.64
CA GLY A 144 -30.24 8.84 18.82
C GLY A 144 -29.86 10.20 19.40
N CYS A 145 -30.84 10.90 19.96
CA CYS A 145 -30.50 12.18 20.56
C CYS A 145 -29.79 11.97 21.89
N LEU A 146 -30.03 10.83 22.55
CA LEU A 146 -29.19 10.46 23.68
C LEU A 146 -27.76 10.21 23.22
N GLU A 147 -27.62 9.54 22.08
CA GLU A 147 -26.30 9.33 21.50
C GLU A 147 -25.62 10.65 21.21
N ILE A 148 -26.39 11.65 20.74
CA ILE A 148 -25.87 12.99 20.50
C ILE A 148 -25.26 13.47 21.80
N ARG A 149 -26.12 13.66 22.80
CA ARG A 149 -25.68 14.33 24.01
C ARG A 149 -24.57 13.57 24.73
N ARG A 150 -24.40 12.27 24.46
CA ARG A 150 -23.29 11.54 25.05
C ARG A 150 -22.01 11.83 24.29
N SER A 151 -22.01 11.57 22.98
CA SER A 151 -20.82 11.78 22.19
C SER A 151 -20.36 13.22 22.25
N TYR A 152 -21.30 14.13 22.42
CA TYR A 152 -21.02 15.54 22.68
C TYR A 152 -21.00 15.76 24.18
N GLY A 153 -19.80 15.65 24.75
CA GLY A 153 -19.67 15.87 26.18
C GLY A 153 -19.77 17.32 26.59
N GLU A 154 -19.50 18.22 25.63
CA GLU A 154 -19.41 19.69 25.91
C GLU A 154 -20.14 20.59 24.90
N MET A 155 -20.99 20.06 24.01
CA MET A 155 -21.80 20.86 23.12
C MET A 155 -22.86 21.63 23.90
N ARG A 156 -23.31 22.73 23.31
CA ARG A 156 -24.36 23.54 23.89
C ARG A 156 -25.70 22.83 23.83
N GLY A 157 -26.69 23.45 24.47
CA GLY A 157 -28.06 22.97 24.47
C GLY A 157 -28.87 23.62 23.37
N ASN A 158 -28.53 24.87 23.04
CA ASN A 158 -29.10 25.55 21.88
C ASN A 158 -28.34 25.24 20.60
N ALA A 159 -27.52 24.19 20.62
CA ALA A 159 -26.63 23.89 19.50
C ALA A 159 -27.42 23.61 18.23
N LEU A 160 -28.23 22.56 18.25
CA LEU A 160 -28.97 22.14 17.07
C LEU A 160 -30.30 22.87 16.91
N GLU A 161 -30.50 23.97 17.62
CA GLU A 161 -31.67 24.81 17.39
C GLU A 161 -31.60 25.54 16.06
N LYS A 162 -30.44 25.57 15.41
CA LYS A 162 -30.17 26.53 14.36
C LYS A 162 -30.20 25.87 12.99
N LYS A 163 -30.67 26.65 12.02
CA LYS A 163 -30.95 26.22 10.65
C LYS A 163 -29.68 25.67 10.00
N SER A 164 -28.73 26.56 9.74
CA SER A 164 -27.52 26.15 9.05
C SER A 164 -26.73 25.16 9.87
N ASN A 165 -26.72 25.31 11.18
CA ASN A 165 -25.87 24.46 12.00
C ASN A 165 -26.44 23.08 12.23
N TYR A 166 -27.72 22.86 11.94
CA TYR A 166 -28.23 21.50 11.84
C TYR A 166 -28.06 20.96 10.45
N GLU A 167 -28.08 21.84 9.44
CA GLU A 167 -27.71 21.41 8.11
C GLU A 167 -26.30 20.84 8.12
N VAL A 168 -25.43 21.42 8.96
CA VAL A 168 -24.08 20.90 9.18
C VAL A 168 -24.15 19.42 9.52
N LEU A 169 -24.92 19.08 10.53
CA LEU A 169 -24.95 17.70 10.99
C LEU A 169 -25.53 16.79 9.94
N GLU A 170 -26.70 17.14 9.44
CA GLU A 170 -27.37 16.21 8.54
C GLU A 170 -26.63 16.02 7.22
N LYS A 171 -25.74 16.95 6.84
CA LYS A 171 -24.98 16.80 5.59
C LYS A 171 -23.55 16.32 5.83
N ASP A 172 -22.76 17.11 6.53
CA ASP A 172 -21.33 16.88 6.60
C ASP A 172 -21.01 15.67 7.43
N VAL A 173 -21.61 15.57 8.61
CA VAL A 173 -21.57 14.33 9.37
C VAL A 173 -22.28 13.24 8.60
N GLY A 174 -23.56 13.43 8.34
CA GLY A 174 -24.39 12.40 7.79
C GLY A 174 -24.75 11.46 8.91
N LEU A 175 -26.03 11.20 9.09
CA LEU A 175 -26.52 10.53 10.28
C LEU A 175 -26.67 9.04 10.10
N ARG A 176 -25.98 8.47 9.12
CA ARG A 176 -25.83 7.02 9.03
C ARG A 176 -25.03 6.45 10.19
N ARG A 177 -24.31 7.31 10.93
CA ARG A 177 -23.52 6.84 12.05
C ARG A 177 -24.38 6.09 13.05
N PHE A 178 -25.45 6.73 13.54
CA PHE A 178 -26.29 6.12 14.57
C PHE A 178 -27.78 6.33 14.40
N PHE A 179 -28.24 7.29 13.60
CA PHE A 179 -29.66 7.31 13.27
C PHE A 179 -29.93 6.30 12.16
N PRO A 180 -30.95 5.42 12.28
CA PRO A 180 -31.09 4.35 11.28
C PRO A 180 -31.95 4.63 10.05
N LYS A 181 -31.97 3.61 9.21
CA LYS A 181 -32.38 3.74 7.83
C LYS A 181 -33.85 4.08 7.71
N SER A 182 -34.69 3.26 8.32
CA SER A 182 -36.13 3.32 8.10
C SER A 182 -36.70 4.69 8.38
N LEU A 183 -36.06 5.46 9.25
CA LEU A 183 -36.33 6.88 9.32
C LEU A 183 -35.65 7.61 8.18
N LEU A 184 -34.31 7.53 8.15
CA LEU A 184 -33.55 8.57 7.47
C LEU A 184 -33.85 8.61 5.98
N ASP A 185 -34.06 7.45 5.38
CA ASP A 185 -34.55 7.38 4.00
C ASP A 185 -36.06 7.21 3.98
N SER A 186 -36.77 8.08 4.70
CA SER A 186 -38.22 8.08 4.66
C SER A 186 -38.87 9.44 4.82
N VAL A 187 -38.10 10.54 4.90
CA VAL A 187 -38.63 11.82 5.35
C VAL A 187 -38.07 12.95 4.50
N LYS A 188 -38.88 14.00 4.36
CA LYS A 188 -38.53 15.23 3.66
C LYS A 188 -37.49 16.03 4.44
N ALA A 189 -36.84 16.96 3.74
CA ALA A 189 -35.75 17.73 4.33
C ALA A 189 -36.19 18.60 5.51
N LYS A 190 -37.02 19.61 5.21
CA LYS A 190 -37.47 20.53 6.26
C LYS A 190 -38.27 19.77 7.31
N THR A 191 -38.99 18.73 6.90
CA THR A 191 -39.69 17.85 7.83
C THR A 191 -38.73 17.27 8.84
N LEU A 192 -37.76 16.45 8.39
CA LEU A 192 -36.86 15.79 9.34
C LEU A 192 -36.08 16.80 10.15
N ARG A 193 -35.79 17.96 9.57
CA ARG A 193 -35.22 19.05 10.35
C ARG A 193 -36.09 19.31 11.58
N LYS A 194 -37.32 19.74 11.34
CA LYS A 194 -38.23 20.06 12.45
C LYS A 194 -38.44 18.86 13.38
N LEU A 195 -38.46 17.65 12.81
CA LEU A 195 -38.71 16.46 13.61
C LEU A 195 -37.62 16.27 14.65
N ILE A 196 -36.37 16.14 14.20
CA ILE A 196 -35.32 15.89 15.17
C ILE A 196 -35.03 17.15 15.98
N GLN A 197 -35.43 18.34 15.50
CA GLN A 197 -35.40 19.52 16.36
C GLN A 197 -36.21 19.20 17.61
N GLN A 198 -37.52 19.01 17.40
CA GLN A 198 -38.44 18.80 18.50
C GLN A 198 -38.03 17.61 19.36
N THR A 199 -37.39 16.60 18.77
CA THR A 199 -36.82 15.52 19.56
C THR A 199 -35.76 16.06 20.50
N PHE A 200 -34.73 16.69 19.94
CA PHE A 200 -33.55 17.10 20.67
C PHE A 200 -33.81 18.22 21.66
N ARG A 201 -34.98 18.88 21.59
CA ARG A 201 -35.22 20.03 22.46
C ARG A 201 -35.12 19.68 23.94
N GLN A 202 -35.46 18.46 24.30
CA GLN A 202 -35.62 18.11 25.70
C GLN A 202 -34.37 17.49 26.33
N PHE A 203 -33.38 17.13 25.53
CA PHE A 203 -32.17 16.47 26.02
C PHE A 203 -30.97 17.42 26.06
N ALA A 204 -31.21 18.67 26.42
CA ALA A 204 -30.23 19.71 26.17
C ALA A 204 -29.01 19.64 27.08
N ASN A 205 -29.05 18.84 28.15
CA ASN A 205 -28.23 19.11 29.32
C ASN A 205 -27.34 17.97 29.78
N LEU A 206 -27.72 16.72 29.54
CA LEU A 206 -27.08 15.62 30.25
C LEU A 206 -25.61 15.48 29.89
N ASN A 207 -24.90 14.80 30.77
CA ASN A 207 -23.49 14.54 30.63
C ASN A 207 -23.30 13.09 30.20
N ARG A 208 -22.05 12.61 30.23
CA ARG A 208 -21.76 11.22 29.91
C ARG A 208 -22.57 10.27 30.79
N GLU A 209 -22.31 10.32 32.10
CA GLU A 209 -22.96 9.44 33.07
C GLU A 209 -24.48 9.47 32.92
N GLU A 210 -25.04 10.67 32.86
CA GLU A 210 -26.47 10.81 33.00
C GLU A 210 -27.19 10.46 31.70
N SER A 211 -26.68 10.99 30.60
CA SER A 211 -27.14 10.58 29.28
C SER A 211 -27.15 9.07 29.14
N ILE A 212 -26.10 8.44 29.64
CA ILE A 212 -25.95 7.00 29.44
C ILE A 212 -26.94 6.23 30.30
N LEU A 213 -27.16 6.69 31.53
CA LEU A 213 -28.17 6.02 32.34
C LEU A 213 -29.57 6.28 31.80
N LYS A 214 -29.77 7.41 31.11
CA LYS A 214 -31.03 7.69 30.44
C LYS A 214 -31.27 6.72 29.29
N PHE A 215 -30.20 6.48 28.52
CA PHE A 215 -30.20 5.46 27.48
C PHE A 215 -30.67 4.13 28.02
N PHE A 216 -30.15 3.74 29.18
CA PHE A 216 -30.58 2.46 29.74
C PHE A 216 -32.02 2.52 30.21
N GLU A 217 -32.42 3.65 30.79
CA GLU A 217 -33.79 3.83 31.25
C GLU A 217 -34.77 3.57 30.13
N ILE A 218 -34.48 4.10 28.94
CA ILE A 218 -35.41 3.94 27.83
C ILE A 218 -35.17 2.66 27.06
N LEU A 219 -33.98 2.05 27.19
CA LEU A 219 -33.61 0.92 26.37
C LEU A 219 -33.97 -0.42 26.98
N SER A 220 -34.18 -0.47 28.29
CA SER A 220 -34.54 -1.73 28.95
C SER A 220 -35.69 -2.49 28.30
N PRO A 221 -36.83 -1.88 27.95
CA PRO A 221 -37.94 -2.71 27.46
C PRO A 221 -37.72 -3.27 26.06
N VAL A 222 -37.26 -2.46 25.12
CA VAL A 222 -37.13 -2.91 23.74
C VAL A 222 -36.14 -4.06 23.62
N TYR A 223 -35.18 -4.15 24.55
CA TYR A 223 -34.32 -5.31 24.61
C TYR A 223 -33.78 -5.46 26.02
N ARG A 224 -33.70 -6.71 26.46
CA ARG A 224 -33.19 -7.02 27.80
C ARG A 224 -31.69 -7.28 27.69
N PHE A 225 -30.99 -6.18 27.46
CA PHE A 225 -29.54 -6.16 27.42
C PHE A 225 -28.89 -6.75 28.65
N ASP A 226 -29.58 -6.73 29.79
CA ASP A 226 -29.05 -7.40 30.97
C ASP A 226 -28.82 -8.87 30.72
N LYS A 227 -29.60 -9.46 29.82
CA LYS A 227 -29.50 -10.89 29.50
C LYS A 227 -29.35 -11.11 28.01
N GLU A 228 -29.36 -12.38 27.61
CA GLU A 228 -29.41 -12.77 26.21
C GLU A 228 -30.24 -14.04 26.13
N CYS A 229 -31.34 -13.99 25.39
CA CYS A 229 -32.31 -15.07 25.39
C CYS A 229 -31.85 -16.23 24.54
N PHE A 230 -31.96 -17.44 25.10
CA PHE A 230 -31.58 -18.67 24.43
C PHE A 230 -32.77 -19.61 24.37
N LYS A 231 -32.71 -20.55 23.44
CA LYS A 231 -33.72 -21.59 23.28
C LYS A 231 -33.04 -22.95 23.39
N CYS A 232 -33.78 -23.92 23.88
CA CYS A 232 -33.21 -25.14 24.45
C CYS A 232 -34.37 -26.08 24.75
N ALA A 233 -34.07 -27.18 25.42
CA ALA A 233 -35.13 -28.07 25.90
C ALA A 233 -34.76 -28.66 27.25
N LEU A 234 -35.74 -28.69 28.14
CA LEU A 234 -35.52 -28.95 29.56
C LEU A 234 -36.34 -30.15 30.00
N GLY A 235 -35.79 -30.90 30.93
CA GLY A 235 -36.43 -32.08 31.46
C GLY A 235 -35.39 -33.17 31.66
N SER A 236 -35.78 -34.16 32.47
CA SER A 236 -34.91 -35.30 32.73
C SER A 236 -35.09 -36.39 31.68
N SER A 237 -36.29 -36.95 31.55
CA SER A 237 -36.54 -37.95 30.53
C SER A 237 -37.91 -37.86 29.87
N TRP A 238 -38.81 -36.96 30.30
CA TRP A 238 -39.73 -36.28 29.38
C TRP A 238 -39.18 -34.87 29.28
N ILE A 239 -38.95 -34.37 28.08
CA ILE A 239 -38.20 -33.13 27.85
C ILE A 239 -38.95 -32.25 26.86
N ILE A 240 -38.80 -30.94 27.03
CA ILE A 240 -39.64 -29.94 26.40
C ILE A 240 -38.83 -28.73 25.98
N SER A 241 -39.17 -28.15 24.83
CA SER A 241 -38.31 -27.21 24.11
C SER A 241 -38.75 -25.76 24.27
N VAL A 242 -38.05 -25.04 25.14
CA VAL A 242 -38.47 -23.72 25.62
C VAL A 242 -37.53 -22.63 25.09
N GLU A 243 -37.85 -21.40 25.43
CA GLU A 243 -36.92 -20.28 25.46
C GLU A 243 -36.32 -20.17 26.86
N LEU A 244 -35.15 -19.53 26.93
CA LEU A 244 -34.37 -19.47 28.15
C LEU A 244 -33.86 -18.05 28.35
N ALA A 245 -33.71 -17.67 29.61
CA ALA A 245 -33.27 -16.34 30.00
C ALA A 245 -32.32 -16.44 31.17
N ILE A 246 -31.16 -15.79 31.05
CA ILE A 246 -30.16 -15.76 32.10
C ILE A 246 -29.66 -14.34 32.19
N GLY A 247 -29.87 -13.70 33.32
CA GLY A 247 -29.42 -12.36 33.53
C GLY A 247 -29.32 -11.98 34.98
N PRO A 248 -28.75 -10.81 35.26
CA PRO A 248 -28.64 -10.35 36.65
C PRO A 248 -29.97 -9.99 37.26
N GLU A 249 -30.89 -9.44 36.47
CA GLU A 249 -32.19 -9.05 36.98
C GLU A 249 -32.94 -10.20 37.62
N GLU A 250 -32.67 -11.42 37.17
CA GLU A 250 -33.29 -12.63 37.69
C GLU A 250 -32.33 -13.58 38.35
N GLY A 251 -31.02 -13.42 38.17
CA GLY A 251 -30.13 -14.52 38.45
C GLY A 251 -30.33 -15.56 37.37
N ILE A 252 -31.00 -16.67 37.71
CA ILE A 252 -31.44 -17.65 36.72
C ILE A 252 -32.93 -17.91 36.93
N SER A 253 -33.71 -17.65 35.90
CA SER A 253 -35.14 -17.98 35.84
C SER A 253 -35.39 -18.48 34.43
N TYR A 254 -36.58 -19.04 34.18
CA TYR A 254 -36.90 -19.43 32.82
C TYR A 254 -38.41 -19.61 32.68
N LEU A 255 -38.85 -19.68 31.42
CA LEU A 255 -40.20 -19.29 31.03
C LEU A 255 -41.17 -20.46 30.92
N THR A 256 -42.45 -20.11 30.84
CA THR A 256 -43.51 -21.01 30.41
C THR A 256 -44.22 -20.53 29.17
N ASP A 257 -44.08 -19.26 28.84
CA ASP A 257 -44.53 -18.69 27.60
C ASP A 257 -43.41 -17.78 27.14
N LYS A 258 -43.30 -17.62 25.82
CA LYS A 258 -42.39 -16.61 25.26
C LYS A 258 -42.69 -15.24 25.88
N GLY A 259 -43.96 -14.96 26.15
CA GLY A 259 -44.38 -13.76 26.82
C GLY A 259 -44.56 -13.89 28.32
N ALA A 260 -44.07 -14.96 28.93
CA ALA A 260 -44.28 -15.15 30.35
C ALA A 260 -43.33 -14.29 31.18
N ASN A 261 -43.81 -13.92 32.35
CA ASN A 261 -42.92 -13.49 33.41
C ASN A 261 -42.15 -14.72 33.88
N PRO A 262 -40.82 -14.76 33.73
CA PRO A 262 -40.11 -16.01 34.02
C PRO A 262 -40.22 -16.43 35.46
N THR A 263 -40.18 -17.74 35.65
CA THR A 263 -40.45 -18.37 36.92
C THR A 263 -39.11 -18.60 37.60
N HIS A 264 -38.83 -17.79 38.61
CA HIS A 264 -37.54 -17.86 39.25
C HIS A 264 -37.43 -19.10 40.11
N LEU A 265 -36.25 -19.67 40.14
CA LEU A 265 -35.97 -20.76 41.05
C LEU A 265 -34.66 -20.60 41.81
N ALA A 266 -33.62 -20.02 41.21
CA ALA A 266 -32.40 -19.75 41.97
C ALA A 266 -31.49 -18.79 41.21
N ASP A 267 -30.65 -18.08 41.96
CA ASP A 267 -29.72 -17.11 41.41
C ASP A 267 -28.38 -17.77 41.12
N PHE A 268 -27.46 -16.95 40.58
CA PHE A 268 -26.07 -17.35 40.46
C PHE A 268 -25.44 -17.60 41.83
N ASN A 269 -25.95 -16.95 42.87
CA ASN A 269 -25.28 -17.00 44.15
C ASN A 269 -25.32 -18.39 44.76
N GLN A 270 -26.38 -19.15 44.48
CA GLN A 270 -26.48 -20.50 44.99
C GLN A 270 -25.62 -21.50 44.24
N VAL A 271 -24.91 -21.09 43.19
CA VAL A 271 -24.23 -22.07 42.35
C VAL A 271 -23.08 -22.70 43.13
N GLN A 272 -22.91 -24.01 42.94
CA GLN A 272 -21.72 -24.71 43.43
C GLN A 272 -20.64 -24.82 42.34
N THR A 273 -20.95 -25.53 41.26
CA THR A 273 -20.00 -25.83 40.20
C THR A 273 -20.72 -25.88 38.87
N ILE A 274 -19.96 -26.08 37.79
CA ILE A 274 -20.45 -25.98 36.43
C ILE A 274 -19.89 -27.15 35.62
N GLN A 275 -20.67 -27.58 34.62
CA GLN A 275 -20.16 -28.49 33.60
C GLN A 275 -21.00 -28.35 32.33
N TYR A 276 -20.32 -28.45 31.19
CA TYR A 276 -20.94 -28.52 29.87
C TYR A 276 -20.48 -29.80 29.21
N SER A 277 -21.31 -30.34 28.32
CA SER A 277 -20.92 -31.52 27.57
C SER A 277 -21.86 -31.67 26.39
N ASN A 278 -21.44 -32.48 25.43
CA ASN A 278 -22.17 -32.63 24.18
C ASN A 278 -23.53 -33.25 24.41
N SER A 279 -24.48 -32.88 23.55
CA SER A 279 -25.62 -33.73 23.31
C SER A 279 -25.10 -35.10 22.89
N GLU A 280 -25.71 -36.15 23.43
CA GLU A 280 -25.13 -37.48 23.36
C GLU A 280 -25.33 -38.16 22.01
N ASP A 281 -25.76 -37.44 20.98
CA ASP A 281 -25.96 -38.02 19.66
C ASP A 281 -25.26 -37.16 18.61
N LYS A 282 -25.42 -37.52 17.33
CA LYS A 282 -24.72 -36.84 16.25
C LYS A 282 -25.19 -35.41 16.03
N ASP A 283 -26.27 -34.99 16.69
CA ASP A 283 -26.68 -33.59 16.62
C ASP A 283 -25.56 -32.67 17.07
N ARG A 284 -25.50 -31.48 16.46
CA ARG A 284 -24.45 -30.52 16.76
C ARG A 284 -24.76 -29.72 18.02
N LYS A 285 -25.15 -30.42 19.09
CA LYS A 285 -25.82 -29.81 20.22
C LYS A 285 -25.09 -30.14 21.52
N GLY A 286 -25.40 -29.37 22.54
CA GLY A 286 -24.69 -29.45 23.81
C GLY A 286 -25.63 -29.57 24.98
N MET A 287 -25.25 -30.41 25.94
CA MET A 287 -25.95 -30.50 27.20
C MET A 287 -25.52 -29.37 28.13
N LEU A 288 -26.29 -29.19 29.20
CA LEU A 288 -25.99 -28.15 30.18
C LEU A 288 -26.66 -28.55 31.48
N GLN A 289 -25.85 -28.96 32.45
CA GLN A 289 -26.31 -29.41 33.76
C GLN A 289 -25.80 -28.46 34.84
N LEU A 290 -26.58 -28.31 35.91
CA LEU A 290 -26.42 -27.18 36.83
C LEU A 290 -26.65 -27.57 38.28
N LYS A 291 -25.58 -27.95 38.97
CA LYS A 291 -25.64 -28.28 40.39
C LYS A 291 -25.52 -27.01 41.24
N ILE A 292 -26.35 -26.92 42.28
CA ILE A 292 -26.60 -25.68 43.00
C ILE A 292 -26.54 -25.95 44.51
N ALA A 293 -26.32 -24.87 45.26
CA ALA A 293 -26.09 -24.93 46.71
C ALA A 293 -27.22 -25.65 47.43
N GLY A 294 -26.85 -26.65 48.21
CA GLY A 294 -27.83 -27.43 48.97
C GLY A 294 -28.89 -28.08 48.11
N ALA A 295 -28.63 -28.24 46.81
CA ALA A 295 -29.59 -28.81 45.89
C ALA A 295 -29.25 -30.28 45.68
N PRO A 296 -30.18 -31.22 45.86
CA PRO A 296 -30.00 -32.55 45.24
C PRO A 296 -30.24 -32.54 43.74
N GLU A 297 -30.65 -31.38 43.21
CA GLU A 297 -31.21 -31.24 41.89
C GLU A 297 -30.29 -30.47 40.92
N PRO A 298 -30.07 -30.99 39.68
CA PRO A 298 -29.49 -30.17 38.59
C PRO A 298 -30.46 -29.49 37.63
N LEU A 299 -30.25 -28.20 37.28
CA LEU A 299 -31.10 -27.52 36.29
C LEU A 299 -30.56 -27.86 34.91
N THR A 300 -31.05 -28.98 34.39
CA THR A 300 -30.55 -29.51 33.14
C THR A 300 -31.18 -28.79 31.96
N VAL A 301 -30.33 -28.45 30.99
CA VAL A 301 -30.74 -27.79 29.77
C VAL A 301 -29.96 -28.42 28.64
N THR A 302 -30.58 -28.48 27.46
CA THR A 302 -29.91 -28.87 26.24
C THR A 302 -30.36 -27.94 25.14
N ALA A 303 -29.40 -27.42 24.41
CA ALA A 303 -29.62 -26.31 23.50
C ALA A 303 -28.85 -26.55 22.20
N PRO A 304 -29.00 -25.69 21.17
CA PRO A 304 -28.50 -26.05 19.84
C PRO A 304 -27.00 -26.24 19.69
N SER A 305 -26.17 -26.09 20.73
CA SER A 305 -24.73 -26.14 20.49
C SER A 305 -23.94 -26.38 21.77
N LEU A 306 -22.93 -27.25 21.67
CA LEU A 306 -21.88 -27.30 22.68
C LEU A 306 -21.15 -25.97 22.76
N THR A 307 -21.03 -25.28 21.62
CA THR A 307 -20.49 -23.94 21.57
C THR A 307 -21.11 -23.07 22.66
N ILE A 308 -22.43 -22.90 22.58
CA ILE A 308 -23.10 -22.07 23.56
C ILE A 308 -23.20 -22.79 24.90
N ALA A 309 -23.06 -24.11 24.93
CA ALA A 309 -23.04 -24.82 26.21
C ALA A 309 -21.83 -24.40 27.03
N GLU A 310 -20.65 -24.50 26.43
CA GLU A 310 -19.43 -24.04 27.06
C GLU A 310 -19.50 -22.55 27.38
N ASN A 311 -20.07 -21.76 26.47
CA ASN A 311 -20.18 -20.33 26.76
C ASN A 311 -21.08 -20.09 27.97
N MET A 312 -22.17 -20.83 28.11
CA MET A 312 -23.05 -20.63 29.24
C MET A 312 -22.42 -21.12 30.54
N ALA A 313 -21.59 -22.16 30.44
CA ALA A 313 -20.76 -22.53 31.57
C ALA A 313 -19.92 -21.33 32.02
N ASP A 314 -19.33 -20.62 31.06
CA ASP A 314 -18.59 -19.42 31.41
C ASP A 314 -19.50 -18.34 31.99
N LEU A 315 -20.75 -18.27 31.49
CA LEU A 315 -21.73 -17.33 32.02
C LEU A 315 -21.85 -17.51 33.54
N ILE A 316 -22.14 -18.72 33.97
CA ILE A 316 -22.39 -18.93 35.38
C ILE A 316 -21.09 -18.76 36.16
N ASP A 317 -19.99 -19.21 35.56
CA ASP A 317 -18.71 -19.15 36.23
C ASP A 317 -18.34 -17.71 36.54
N GLY A 318 -18.65 -16.80 35.62
CA GLY A 318 -18.26 -15.42 35.80
C GLY A 318 -19.22 -14.57 36.62
N TYR A 319 -20.50 -14.91 36.65
CA TYR A 319 -21.32 -14.23 37.67
C TYR A 319 -20.93 -14.69 39.06
N CYS A 320 -20.57 -15.98 39.20
CA CYS A 320 -20.01 -16.42 40.47
C CYS A 320 -18.80 -15.58 40.85
N ARG A 321 -17.84 -15.48 39.91
CA ARG A 321 -16.67 -14.61 40.13
C ARG A 321 -17.08 -13.20 40.53
N LEU A 322 -17.98 -12.59 39.77
CA LEU A 322 -18.33 -11.19 39.96
C LEU A 322 -19.01 -10.93 41.28
N VAL A 323 -20.23 -11.43 41.44
CA VAL A 323 -21.07 -11.06 42.56
C VAL A 323 -20.92 -12.05 43.72
N ASN A 324 -19.85 -12.85 43.70
CA ASN A 324 -19.24 -13.33 44.94
C ASN A 324 -17.79 -12.85 44.95
N GLY A 325 -17.08 -13.23 46.00
CA GLY A 325 -15.66 -12.92 46.09
C GLY A 325 -14.76 -13.82 45.27
N ALA A 326 -15.33 -14.66 44.41
CA ALA A 326 -14.54 -15.60 43.62
C ALA A 326 -13.88 -14.88 42.46
N THR A 327 -12.78 -15.45 42.00
CA THR A 327 -12.19 -15.11 40.72
C THR A 327 -11.67 -16.35 40.03
N GLN A 328 -12.29 -17.49 40.32
CA GLN A 328 -11.77 -18.80 39.96
C GLN A 328 -12.76 -19.55 39.10
N SER A 329 -12.26 -20.59 38.44
CA SER A 329 -13.04 -21.37 37.50
C SER A 329 -13.83 -22.44 38.24
N PHE A 330 -15.12 -22.22 38.42
CA PHE A 330 -16.03 -23.24 38.91
C PHE A 330 -16.49 -24.19 37.82
N ILE A 331 -15.90 -24.12 36.63
CA ILE A 331 -16.18 -25.09 35.58
C ILE A 331 -15.27 -26.30 35.79
N ILE A 332 -15.87 -27.48 35.78
CA ILE A 332 -15.17 -28.73 36.05
C ILE A 332 -14.71 -29.28 34.70
N ARG A 333 -13.44 -29.05 34.38
CA ARG A 333 -12.86 -29.70 33.22
C ARG A 333 -12.77 -31.20 33.46
N PRO A 334 -12.66 -32.00 32.40
CA PRO A 334 -12.52 -33.44 32.61
C PRO A 334 -11.17 -33.77 33.23
N ASP A 367 7.65 -16.01 32.02
CA ASP A 367 6.61 -17.05 31.81
C ASP A 367 5.72 -16.64 30.63
N ASP A 368 5.01 -15.51 30.77
CA ASP A 368 4.11 -15.00 29.69
C ASP A 368 3.85 -13.51 29.93
N TYR A 369 4.25 -12.66 28.98
CA TYR A 369 4.04 -11.19 29.10
C TYR A 369 3.52 -10.64 27.77
N ALA A 370 2.72 -9.57 27.84
CA ALA A 370 2.13 -8.94 26.63
C ALA A 370 2.34 -7.42 26.71
N GLU A 371 2.25 -6.74 25.57
CA GLU A 371 2.43 -5.26 25.52
C GLU A 371 1.58 -4.68 24.39
N ILE A 372 0.59 -3.85 24.72
CA ILE A 372 -0.30 -3.22 23.71
C ILE A 372 0.55 -2.34 22.78
N ILE A 373 0.55 -2.66 21.49
CA ILE A 373 1.34 -1.89 20.48
C ILE A 373 0.53 -0.68 20.03
N ASP A 374 1.18 0.49 19.93
CA ASP A 374 0.50 1.74 19.50
C ASP A 374 0.25 1.67 17.99
N GLU A 375 1.32 1.79 17.19
CA GLU A 375 1.21 1.75 15.71
C GLU A 375 2.38 0.93 15.15
N GLU A 376 3.61 1.38 15.40
CA GLU A 376 4.84 0.69 14.92
C GLU A 376 4.72 0.42 13.41
N ASP A 377 4.26 -0.77 13.03
CA ASP A 377 4.08 -1.14 11.60
C ASP A 377 2.74 -1.87 11.42
N THR A 378 2.04 -2.13 12.54
CA THR A 378 0.73 -2.83 12.49
C THR A 378 0.86 -4.12 11.69
N TYR A 379 1.83 -4.97 12.07
CA TYR A 379 2.07 -6.26 11.37
C TYR A 379 1.42 -7.40 12.17
N THR A 380 0.49 -8.13 11.53
CA THR A 380 0.19 -7.97 10.08
C THR A 380 -1.24 -8.42 9.77
N MET A 381 -2.09 -7.49 9.33
CA MET A 381 -3.52 -7.77 8.99
C MET A 381 -3.63 -8.47 7.63
N PRO A 382 -4.76 -9.18 7.35
CA PRO A 382 -4.95 -9.86 6.06
C PRO A 382 -5.76 -9.00 5.08
N SER A 383 -6.67 -9.63 4.31
CA SER A 383 -7.50 -8.88 3.33
C SER A 383 -8.88 -8.57 3.94
N THR A 384 -9.63 -7.66 3.32
CA THR A 384 -10.98 -7.28 3.82
C THR A 384 -12.05 -7.99 2.98
N ARG A 385 -13.31 -7.93 3.43
CA ARG A 385 -14.44 -8.57 2.71
C ARG A 385 -15.74 -7.84 3.07
N ASP A 386 -15.65 -6.76 3.85
CA ASP A 386 -16.84 -5.98 4.27
C ASP A 386 -17.58 -5.49 3.02
N TYR A 387 -18.91 -5.70 2.99
CA TYR A 387 -19.74 -5.28 1.84
C TYR A 387 -20.23 -3.85 2.05
N GLU A 388 -20.78 -3.58 3.24
CA GLU A 388 -21.30 -2.21 3.59
C GLU A 388 -20.16 -1.20 3.46
N ILE A 389 -20.41 -0.02 2.88
CA ILE A 389 -19.37 0.99 2.69
C ILE A 389 -19.64 2.19 3.60
N GLN A 390 -18.55 2.76 4.15
CA GLN A 390 -18.51 4.07 4.89
C GLN A 390 -18.21 5.18 3.87
N ARG A 391 -18.81 6.37 4.03
CA ARG A 391 -18.65 7.48 3.04
C ARG A 391 -17.73 8.60 3.53
N GLU A 392 -16.88 8.37 4.54
CA GLU A 392 -16.01 9.44 5.01
C GLU A 392 -14.62 9.41 4.38
N ARG A 393 -14.03 8.23 4.21
CA ARG A 393 -12.62 8.12 3.84
C ARG A 393 -12.37 8.27 2.35
N ILE A 394 -13.29 8.86 1.59
CA ILE A 394 -13.28 8.81 0.15
C ILE A 394 -12.78 10.13 -0.43
N GLU A 395 -11.99 10.02 -1.49
CA GLU A 395 -11.75 11.13 -2.36
C GLU A 395 -12.84 11.17 -3.42
N LEU A 396 -13.47 12.34 -3.57
CA LEU A 396 -14.38 12.56 -4.69
C LEU A 396 -13.55 12.81 -5.95
N GLY A 397 -13.84 12.06 -6.99
CA GLY A 397 -13.11 12.08 -8.24
C GLY A 397 -13.85 12.83 -9.33
N ARG A 398 -13.48 12.54 -10.58
CA ARG A 398 -14.14 13.11 -11.73
C ARG A 398 -14.11 12.08 -12.85
N CYS A 399 -14.65 12.48 -14.01
CA CYS A 399 -14.78 11.62 -15.23
C CYS A 399 -13.54 10.76 -15.52
N ILE A 400 -13.72 9.44 -15.51
CA ILE A 400 -12.66 8.44 -15.86
C ILE A 400 -13.25 7.58 -16.98
N GLY A 401 -14.53 7.21 -16.84
CA GLY A 401 -15.23 6.41 -17.86
C GLY A 401 -16.74 6.53 -17.72
N GLU A 402 -17.49 6.18 -18.76
CA GLU A 402 -18.97 6.26 -18.73
C GLU A 402 -19.56 4.85 -18.91
N GLY A 403 -20.48 4.44 -18.04
CA GLY A 403 -21.07 3.11 -18.14
C GLY A 403 -22.52 3.25 -18.58
N GLN A 404 -23.20 2.11 -18.66
CA GLN A 404 -24.61 2.09 -19.08
C GLN A 404 -25.54 2.77 -18.06
N PHE A 405 -25.14 2.75 -16.79
CA PHE A 405 -25.95 3.30 -15.71
C PHE A 405 -25.56 4.72 -15.27
N GLY A 406 -24.41 5.19 -15.75
CA GLY A 406 -23.90 6.51 -15.39
C GLY A 406 -22.40 6.71 -15.54
N ASP A 407 -21.93 7.85 -15.07
CA ASP A 407 -20.50 8.19 -15.08
C ASP A 407 -19.69 7.30 -14.14
N VAL A 408 -18.37 7.23 -14.42
CA VAL A 408 -17.36 6.47 -13.63
C VAL A 408 -16.42 7.46 -12.92
N HIS A 409 -15.84 7.13 -11.75
CA HIS A 409 -14.97 8.05 -10.93
C HIS A 409 -13.68 7.42 -10.36
N GLN A 410 -12.73 8.27 -9.91
CA GLN A 410 -11.38 7.94 -9.30
C GLN A 410 -11.26 8.55 -7.88
N GLY A 411 -10.97 7.70 -6.89
CA GLY A 411 -10.89 8.06 -5.46
C GLY A 411 -10.03 7.08 -4.68
N ILE A 412 -9.71 7.42 -3.42
CA ILE A 412 -8.85 6.61 -2.52
C ILE A 412 -9.63 6.29 -1.23
N TYR A 413 -9.53 5.05 -0.77
CA TYR A 413 -10.13 4.52 0.49
C TYR A 413 -9.03 4.49 1.57
N MET A 414 -9.42 4.63 2.83
CA MET A 414 -8.49 4.67 3.99
C MET A 414 -8.83 3.54 4.97
N SER A 415 -7.81 2.79 5.41
CA SER A 415 -8.00 1.65 6.35
C SER A 415 -6.79 1.55 7.29
N PRO A 416 -6.45 0.36 7.82
CA PRO A 416 -5.30 0.18 8.72
C PRO A 416 -3.97 0.20 7.97
N GLU A 417 -3.46 -0.99 7.61
CA GLU A 417 -2.17 -1.12 6.88
C GLU A 417 -2.42 -0.92 5.39
N ASN A 418 -1.41 -0.40 4.67
CA ASN A 418 -1.54 -0.13 3.22
C ASN A 418 -2.80 0.70 2.97
N PRO A 419 -2.99 1.83 3.67
CA PRO A 419 -4.19 2.66 3.51
C PRO A 419 -4.13 3.65 2.33
N ALA A 420 -5.12 4.53 2.25
CA ALA A 420 -5.24 5.54 1.21
C ALA A 420 -5.04 4.92 -0.16
N MET A 421 -5.61 3.72 -0.34
CA MET A 421 -5.49 2.94 -1.61
C MET A 421 -6.18 3.68 -2.77
N ALA A 422 -5.51 3.75 -3.91
CA ALA A 422 -6.04 4.40 -5.10
C ALA A 422 -7.13 3.52 -5.69
N VAL A 423 -8.36 4.02 -5.67
CA VAL A 423 -9.54 3.21 -5.97
C VAL A 423 -10.52 4.04 -6.79
N ALA A 424 -11.59 3.39 -7.26
CA ALA A 424 -12.48 4.00 -8.24
C ALA A 424 -13.93 3.61 -8.01
N ILE A 425 -14.86 4.36 -8.61
CA ILE A 425 -16.33 4.12 -8.42
C ILE A 425 -17.11 4.43 -9.70
N LYS A 426 -18.24 3.73 -9.87
CA LYS A 426 -19.18 3.90 -11.01
C LYS A 426 -20.56 4.24 -10.42
N THR A 427 -21.26 5.24 -10.97
CA THR A 427 -22.58 5.65 -10.42
C THR A 427 -23.66 5.65 -11.51
N CYS A 428 -24.93 5.57 -11.08
CA CYS A 428 -26.10 5.55 -12.02
C CYS A 428 -26.79 6.92 -12.02
N LYS A 429 -27.00 7.49 -13.21
CA LYS A 429 -27.61 8.83 -13.39
C LYS A 429 -29.06 8.88 -12.88
N ASN A 430 -29.86 7.84 -13.13
CA ASN A 430 -31.31 7.79 -12.76
C ASN A 430 -31.53 6.82 -11.59
N CYS A 431 -32.16 7.26 -10.48
CA CYS A 431 -32.46 6.43 -9.28
C CYS A 431 -33.97 6.23 -9.14
N THR A 432 -34.76 6.57 -10.17
CA THR A 432 -36.23 6.47 -10.20
C THR A 432 -36.68 5.06 -10.62
N SER A 433 -35.76 4.24 -11.14
CA SER A 433 -36.04 2.84 -11.55
C SER A 433 -35.30 1.88 -10.62
N ASP A 434 -36.00 1.03 -9.85
CA ASP A 434 -35.37 0.06 -8.92
C ASP A 434 -34.74 -1.09 -9.72
N SER A 435 -35.22 -1.31 -10.95
CA SER A 435 -34.76 -2.40 -11.80
C SER A 435 -33.28 -2.24 -12.11
N VAL A 436 -32.90 -1.07 -12.63
CA VAL A 436 -31.50 -0.82 -12.90
C VAL A 436 -30.72 -0.80 -11.60
N ARG A 437 -31.37 -0.38 -10.51
CA ARG A 437 -30.73 -0.49 -9.20
C ARG A 437 -30.35 -1.93 -8.92
N GLU A 438 -31.28 -2.85 -9.13
CA GLU A 438 -31.02 -4.24 -8.79
C GLU A 438 -29.98 -4.85 -9.70
N LYS A 439 -29.93 -4.44 -10.97
CA LYS A 439 -28.87 -4.94 -11.85
C LYS A 439 -27.52 -4.39 -11.43
N PHE A 440 -27.51 -3.10 -11.10
CA PHE A 440 -26.33 -2.42 -10.58
C PHE A 440 -25.84 -3.09 -9.30
N LEU A 441 -26.77 -3.62 -8.50
CA LEU A 441 -26.41 -4.42 -7.34
C LEU A 441 -25.87 -5.77 -7.76
N GLN A 442 -26.53 -6.37 -8.73
CA GLN A 442 -26.21 -7.71 -9.19
C GLN A 442 -24.79 -7.78 -9.67
N GLU A 443 -24.29 -6.67 -10.24
CA GLU A 443 -22.87 -6.55 -10.54
C GLU A 443 -22.02 -7.03 -9.38
N ALA A 444 -22.12 -6.34 -8.27
CA ALA A 444 -21.24 -6.61 -7.15
C ALA A 444 -21.56 -7.95 -6.52
N LEU A 445 -22.85 -8.25 -6.38
CA LEU A 445 -23.25 -9.46 -5.71
C LEU A 445 -22.78 -10.68 -6.48
N THR A 446 -22.56 -10.52 -7.78
CA THR A 446 -21.91 -11.56 -8.56
C THR A 446 -20.40 -11.49 -8.41
N MET A 447 -19.85 -10.28 -8.55
CA MET A 447 -18.42 -10.11 -8.69
C MET A 447 -17.66 -10.31 -7.40
N ARG A 448 -18.38 -10.57 -6.30
CA ARG A 448 -17.75 -10.85 -5.02
C ARG A 448 -16.69 -11.96 -5.11
N GLN A 449 -17.11 -13.14 -5.57
CA GLN A 449 -16.45 -14.37 -5.16
C GLN A 449 -15.19 -14.71 -5.95
N PHE A 450 -14.73 -13.85 -6.84
CA PHE A 450 -13.57 -14.21 -7.66
C PHE A 450 -12.29 -14.28 -6.82
N ASP A 451 -11.27 -14.92 -7.38
CA ASP A 451 -9.95 -14.99 -6.74
C ASP A 451 -8.91 -15.31 -7.81
N HIS A 452 -8.10 -14.32 -8.18
CA HIS A 452 -7.02 -14.51 -9.15
C HIS A 452 -6.19 -13.22 -9.19
N PRO A 453 -4.91 -13.30 -9.57
CA PRO A 453 -4.11 -12.07 -9.70
C PRO A 453 -4.49 -11.17 -10.85
N HIS A 454 -5.51 -11.48 -11.63
CA HIS A 454 -5.85 -10.73 -12.83
C HIS A 454 -7.36 -10.58 -12.97
N ILE A 455 -8.06 -10.60 -11.84
CA ILE A 455 -9.48 -10.29 -11.77
C ILE A 455 -9.63 -9.16 -10.76
N VAL A 456 -10.44 -8.16 -11.12
CA VAL A 456 -10.28 -6.84 -10.54
C VAL A 456 -10.96 -6.74 -9.19
N LYS A 457 -10.41 -5.86 -8.33
CA LYS A 457 -10.66 -5.87 -6.89
C LYS A 457 -11.80 -4.92 -6.54
N LEU A 458 -13.01 -5.44 -6.62
CA LEU A 458 -14.15 -4.86 -5.93
C LEU A 458 -14.14 -5.32 -4.48
N ILE A 459 -14.69 -4.49 -3.59
CA ILE A 459 -14.78 -4.84 -2.18
C ILE A 459 -16.20 -4.67 -1.65
N GLY A 460 -16.80 -3.49 -1.84
CA GLY A 460 -17.89 -3.05 -1.00
C GLY A 460 -19.19 -2.81 -1.76
N VAL A 461 -20.21 -2.43 -0.99
CA VAL A 461 -21.56 -2.17 -1.49
C VAL A 461 -22.12 -0.92 -0.82
N ILE A 462 -22.72 -0.03 -1.62
CA ILE A 462 -23.43 1.15 -1.12
C ILE A 462 -24.93 0.89 -1.28
N THR A 463 -25.73 1.57 -0.45
CA THR A 463 -27.18 1.36 -0.40
C THR A 463 -27.95 2.68 -0.30
N GLU A 464 -27.58 3.70 -1.06
CA GLU A 464 -28.47 4.85 -1.25
C GLU A 464 -28.07 5.63 -2.50
N ASN A 465 -29.03 6.38 -3.01
CA ASN A 465 -28.82 7.12 -4.25
C ASN A 465 -27.79 8.22 -4.05
N PRO A 466 -26.89 8.46 -5.02
CA PRO A 466 -26.50 7.60 -6.14
C PRO A 466 -25.54 6.54 -5.65
N VAL A 467 -25.99 5.28 -5.69
CA VAL A 467 -25.16 4.18 -5.22
C VAL A 467 -23.92 4.11 -6.10
N TRP A 468 -22.77 3.93 -5.46
CA TRP A 468 -21.47 3.94 -6.11
C TRP A 468 -20.76 2.64 -5.76
N ILE A 469 -19.50 2.51 -6.20
CA ILE A 469 -18.83 1.22 -6.34
C ILE A 469 -17.37 1.33 -5.93
N ILE A 470 -16.79 0.22 -5.46
CA ILE A 470 -15.36 0.11 -5.23
C ILE A 470 -14.72 -0.40 -6.50
N MET A 471 -13.69 0.29 -6.98
CA MET A 471 -12.98 -0.13 -8.21
C MET A 471 -11.49 -0.16 -7.94
N GLU A 472 -10.79 -1.23 -8.33
CA GLU A 472 -9.31 -1.25 -8.24
C GLU A 472 -8.97 -0.47 -9.51
N LEU A 473 -8.63 0.82 -9.38
CA LEU A 473 -8.49 1.65 -10.59
C LEU A 473 -7.48 1.05 -11.57
N CYS A 474 -7.87 0.95 -12.83
CA CYS A 474 -6.91 0.60 -13.91
C CYS A 474 -6.37 1.96 -14.32
N THR A 475 -5.15 2.32 -13.87
CA THR A 475 -4.58 3.67 -14.10
C THR A 475 -4.43 3.98 -15.60
N LEU A 476 -3.98 2.98 -16.37
CA LEU A 476 -3.75 3.08 -17.84
C LEU A 476 -5.07 3.34 -18.59
N GLY A 477 -6.16 2.65 -18.22
CA GLY A 477 -7.45 2.85 -18.91
C GLY A 477 -7.66 1.89 -20.07
N GLU A 478 -8.63 2.22 -20.95
CA GLU A 478 -9.06 1.42 -22.12
C GLU A 478 -7.87 1.17 -23.06
N LEU A 479 -7.77 -0.04 -23.64
CA LEU A 479 -6.66 -0.46 -24.54
C LEU A 479 -6.98 -0.15 -26.00
N ARG A 480 -8.18 0.27 -26.35
CA ARG A 480 -8.49 0.66 -27.76
C ARG A 480 -7.78 1.97 -28.11
N SER A 481 -7.91 2.97 -27.22
CA SER A 481 -7.36 4.34 -27.38
C SER A 481 -5.83 4.37 -27.31
N PHE A 482 -5.24 3.68 -26.34
CA PHE A 482 -3.76 3.64 -26.14
C PHE A 482 -3.11 3.02 -27.38
N LEU A 483 -3.68 1.90 -27.85
CA LEU A 483 -3.20 1.14 -29.02
C LEU A 483 -3.33 2.04 -30.26
N GLN A 484 -4.43 2.79 -30.34
CA GLN A 484 -4.71 3.72 -31.47
C GLN A 484 -3.69 4.88 -31.50
N VAL A 485 -3.41 5.52 -30.36
CA VAL A 485 -2.53 6.73 -30.28
C VAL A 485 -1.10 6.41 -29.80
N ARG A 486 -0.81 5.16 -29.43
CA ARG A 486 0.52 4.72 -28.90
C ARG A 486 1.15 3.66 -29.82
N LYS A 487 1.09 3.90 -31.14
CA LYS A 487 1.54 2.94 -32.19
C LYS A 487 3.04 2.61 -32.04
N PHE A 488 3.86 3.58 -31.65
CA PHE A 488 5.34 3.43 -31.51
C PHE A 488 5.72 3.01 -30.07
N SER A 489 4.77 2.89 -29.14
CA SER A 489 4.98 2.52 -27.72
C SER A 489 4.62 1.05 -27.45
N LEU A 490 4.37 0.26 -28.50
CA LEU A 490 3.97 -1.17 -28.38
C LEU A 490 5.13 -2.09 -28.80
N ASP A 491 5.19 -3.30 -28.24
CA ASP A 491 6.22 -4.33 -28.52
C ASP A 491 5.52 -5.68 -28.75
N LEU A 492 6.19 -6.62 -29.43
CA LEU A 492 5.66 -7.97 -29.73
C LEU A 492 5.34 -8.70 -28.43
N ALA A 493 6.23 -8.57 -27.43
CA ALA A 493 6.10 -9.19 -26.09
C ALA A 493 4.87 -8.62 -25.36
N SER A 494 4.65 -7.31 -25.51
CA SER A 494 3.54 -6.60 -24.89
C SER A 494 2.21 -7.18 -25.34
N LEU A 495 2.03 -7.33 -26.65
CA LEU A 495 0.77 -7.85 -27.14
C LEU A 495 0.59 -9.31 -26.71
N ILE A 496 1.69 -10.07 -26.73
CA ILE A 496 1.60 -11.47 -26.34
C ILE A 496 1.19 -11.59 -24.88
N LEU A 497 1.72 -10.72 -24.04
CA LEU A 497 1.45 -10.83 -22.61
C LEU A 497 0.07 -10.31 -22.28
N TYR A 498 -0.43 -9.34 -23.07
CA TYR A 498 -1.84 -9.00 -22.99
C TYR A 498 -2.68 -10.24 -23.15
N ALA A 499 -2.42 -10.96 -24.24
CA ALA A 499 -3.17 -12.17 -24.51
C ALA A 499 -2.95 -13.20 -23.42
N TYR A 500 -1.77 -13.21 -22.80
CA TYR A 500 -1.46 -14.20 -21.77
C TYR A 500 -2.24 -13.95 -20.51
N GLN A 501 -2.31 -12.68 -20.09
CA GLN A 501 -3.11 -12.34 -18.93
C GLN A 501 -4.57 -12.71 -19.17
N LEU A 502 -5.08 -12.38 -20.36
CA LEU A 502 -6.46 -12.77 -20.68
C LEU A 502 -6.61 -14.28 -20.68
N SER A 503 -5.54 -14.98 -21.08
CA SER A 503 -5.54 -16.43 -21.10
C SER A 503 -5.85 -16.97 -19.73
N THR A 504 -5.02 -16.61 -18.76
CA THR A 504 -5.20 -17.12 -17.41
C THR A 504 -6.52 -16.64 -16.82
N ALA A 505 -6.94 -15.44 -17.21
CA ALA A 505 -8.19 -14.88 -16.69
C ALA A 505 -9.38 -15.75 -17.07
N LEU A 506 -9.57 -15.92 -18.35
CA LEU A 506 -10.75 -16.63 -18.82
C LEU A 506 -10.59 -18.13 -18.58
N ALA A 507 -9.35 -18.60 -18.40
CA ALA A 507 -9.11 -19.93 -17.88
C ALA A 507 -9.74 -20.08 -16.50
N TYR A 508 -9.55 -19.07 -15.65
CA TYR A 508 -10.15 -19.14 -14.32
C TYR A 508 -11.67 -19.03 -14.39
N LEU A 509 -12.20 -18.28 -15.38
CA LEU A 509 -13.65 -18.32 -15.60
C LEU A 509 -14.10 -19.75 -15.82
N GLU A 510 -13.47 -20.45 -16.76
CA GLU A 510 -13.90 -21.80 -17.07
C GLU A 510 -13.73 -22.71 -15.86
N SER A 511 -12.73 -22.40 -15.02
CA SER A 511 -12.56 -23.19 -13.79
C SER A 511 -13.73 -22.90 -12.85
N LYS A 512 -14.36 -21.73 -12.99
CA LYS A 512 -15.47 -21.35 -12.11
C LYS A 512 -16.67 -20.82 -12.89
N ARG A 513 -16.80 -21.18 -14.16
CA ARG A 513 -18.08 -21.30 -14.85
C ARG A 513 -18.87 -19.99 -14.89
N PHE A 514 -18.38 -19.05 -15.68
CA PHE A 514 -19.26 -17.99 -16.15
C PHE A 514 -18.90 -17.58 -17.57
N VAL A 515 -19.94 -17.20 -18.31
CA VAL A 515 -19.85 -16.79 -19.71
C VAL A 515 -20.00 -15.28 -19.74
N HIS A 516 -18.91 -14.61 -20.10
CA HIS A 516 -18.85 -13.15 -19.98
C HIS A 516 -19.75 -12.45 -21.00
N ARG A 517 -19.95 -13.07 -22.17
CA ARG A 517 -20.86 -12.64 -23.23
C ARG A 517 -20.41 -11.46 -24.07
N ASP A 518 -19.48 -10.65 -23.60
CA ASP A 518 -19.15 -9.43 -24.34
C ASP A 518 -17.72 -9.00 -24.11
N ILE A 519 -16.78 -9.94 -24.15
CA ILE A 519 -15.39 -9.62 -23.85
C ILE A 519 -14.85 -8.70 -24.94
N ALA A 520 -14.14 -7.65 -24.53
CA ALA A 520 -13.70 -6.63 -25.47
C ALA A 520 -12.67 -5.73 -24.79
N ALA A 521 -11.79 -5.15 -25.62
CA ALA A 521 -10.78 -4.25 -25.10
C ALA A 521 -11.40 -3.00 -24.52
N ARG A 522 -12.58 -2.63 -25.02
CA ARG A 522 -13.36 -1.48 -24.48
C ARG A 522 -13.60 -1.84 -22.99
N ASN A 523 -13.86 -3.12 -22.72
CA ASN A 523 -14.08 -3.70 -21.37
C ASN A 523 -12.77 -4.26 -20.81
N VAL A 524 -11.64 -4.13 -21.52
CA VAL A 524 -10.31 -4.62 -21.07
C VAL A 524 -9.55 -3.42 -20.51
N LEU A 525 -8.93 -3.58 -19.33
CA LEU A 525 -8.27 -2.41 -18.67
C LEU A 525 -6.78 -2.70 -18.46
N VAL A 526 -6.25 -1.42 -18.37
CA VAL A 526 -4.77 -1.59 -18.22
C VAL A 526 -4.36 -1.10 -16.82
N SER A 527 -3.73 -1.99 -16.06
CA SER A 527 -3.24 -1.70 -14.71
C SER A 527 -1.90 -1.03 -14.74
N ALA A 528 -1.02 -1.62 -15.56
CA ALA A 528 0.31 -1.10 -15.80
C ALA A 528 0.76 -1.60 -17.16
N THR A 529 1.94 -1.14 -17.57
CA THR A 529 2.53 -1.48 -18.87
C THR A 529 2.70 -2.97 -19.12
N ASP A 530 2.81 -3.75 -18.05
CA ASP A 530 2.98 -5.18 -18.19
C ASP A 530 1.79 -5.96 -17.61
N CYS A 531 0.61 -5.35 -17.55
CA CYS A 531 -0.54 -5.96 -16.85
C CYS A 531 -1.90 -5.44 -17.29
N VAL A 532 -2.70 -6.30 -17.94
CA VAL A 532 -4.08 -5.99 -18.29
C VAL A 532 -5.07 -6.78 -17.43
N LYS A 533 -6.32 -6.33 -17.35
CA LYS A 533 -7.39 -7.00 -16.58
C LYS A 533 -8.72 -6.95 -17.32
N LEU A 534 -9.44 -8.09 -17.29
CA LEU A 534 -10.77 -8.20 -17.85
C LEU A 534 -11.71 -7.54 -16.87
N GLY A 535 -12.57 -6.66 -17.38
CA GLY A 535 -13.68 -6.13 -16.64
C GLY A 535 -15.01 -6.38 -17.36
N ASP A 536 -15.97 -5.50 -17.11
CA ASP A 536 -17.33 -5.57 -17.65
C ASP A 536 -18.03 -6.91 -17.41
N PHE A 537 -18.56 -7.07 -16.22
CA PHE A 537 -19.31 -8.28 -15.85
C PHE A 537 -20.82 -8.01 -15.75
N GLY A 538 -21.31 -7.10 -16.59
CA GLY A 538 -22.74 -6.81 -16.70
C GLY A 538 -23.52 -7.93 -17.39
N LEU A 539 -22.89 -8.53 -18.40
CA LEU A 539 -23.52 -9.61 -19.18
C LEU A 539 -23.14 -11.04 -18.72
N SER A 540 -22.26 -11.14 -17.72
CA SER A 540 -21.69 -12.42 -17.28
C SER A 540 -22.69 -13.29 -16.51
N ARG A 541 -22.74 -14.57 -16.89
CA ARG A 541 -23.67 -15.52 -16.28
C ARG A 541 -23.01 -16.84 -15.85
N TYR A 542 -23.53 -17.39 -14.75
CA TYR A 542 -23.07 -18.67 -14.24
C TYR A 542 -23.87 -19.77 -14.92
N MET A 543 -23.17 -20.62 -15.67
CA MET A 543 -23.77 -21.82 -16.22
C MET A 543 -23.87 -22.89 -15.14
N GLU A 544 -25.06 -23.47 -15.00
CA GLU A 544 -25.21 -24.70 -14.21
C GLU A 544 -24.50 -25.82 -15.00
N ASP A 545 -23.50 -25.39 -15.77
CA ASP A 545 -22.80 -26.19 -16.79
C ASP A 545 -23.73 -26.68 -17.91
N SER A 546 -25.05 -26.63 -17.67
CA SER A 546 -26.05 -27.17 -18.59
C SER A 546 -26.23 -26.31 -19.84
N THR A 547 -25.51 -26.70 -20.90
CA THR A 547 -25.69 -26.18 -22.27
C THR A 547 -25.49 -24.64 -22.39
N TYR A 548 -26.58 -23.91 -22.64
CA TYR A 548 -26.51 -22.51 -23.04
C TYR A 548 -26.78 -21.45 -21.95
N TYR A 549 -26.84 -20.19 -22.40
CA TYR A 549 -27.57 -19.11 -21.75
C TYR A 549 -28.66 -18.60 -22.72
N LYS A 550 -29.62 -17.84 -22.21
CA LYS A 550 -30.72 -17.27 -23.01
C LYS A 550 -30.35 -15.91 -23.63
N ALA A 551 -31.33 -15.02 -23.75
CA ALA A 551 -31.14 -13.67 -24.29
C ALA A 551 -32.20 -12.70 -23.75
N SER A 552 -31.81 -11.45 -23.54
CA SER A 552 -32.71 -10.41 -23.07
C SER A 552 -32.85 -9.26 -24.07
N LYS A 553 -32.00 -8.24 -23.92
CA LYS A 553 -32.06 -7.05 -24.82
C LYS A 553 -30.69 -6.36 -24.87
N GLY A 554 -30.51 -5.46 -25.83
CA GLY A 554 -29.25 -4.71 -26.01
C GLY A 554 -28.66 -4.91 -27.41
N LYS A 555 -28.15 -3.83 -28.00
CA LYS A 555 -27.55 -3.88 -29.36
C LYS A 555 -26.07 -4.28 -29.27
N LEU A 556 -25.82 -5.51 -28.84
CA LEU A 556 -24.42 -6.03 -28.70
C LEU A 556 -23.80 -6.03 -30.09
N PRO A 557 -22.52 -5.65 -30.27
CA PRO A 557 -21.91 -5.62 -31.60
C PRO A 557 -21.83 -7.05 -32.18
N ILE A 558 -22.35 -7.21 -33.39
CA ILE A 558 -22.39 -8.49 -34.17
C ILE A 558 -20.99 -8.89 -34.64
N LYS A 559 -20.19 -7.93 -35.11
CA LYS A 559 -18.89 -8.25 -35.77
C LYS A 559 -18.06 -9.09 -34.80
N TRP A 560 -18.07 -8.70 -33.53
CA TRP A 560 -17.39 -9.40 -32.42
C TRP A 560 -18.07 -10.74 -32.11
N MET A 561 -19.40 -10.83 -32.21
CA MET A 561 -20.12 -11.98 -31.69
C MET A 561 -19.87 -13.24 -32.52
N ALA A 562 -20.18 -14.38 -31.93
CA ALA A 562 -19.92 -15.68 -32.53
C ALA A 562 -21.17 -16.26 -33.18
N PRO A 563 -21.00 -17.05 -34.28
CA PRO A 563 -22.12 -17.35 -35.17
C PRO A 563 -23.31 -18.06 -34.54
N GLU A 564 -23.01 -19.16 -33.86
CA GLU A 564 -24.04 -19.97 -33.23
C GLU A 564 -24.86 -19.12 -32.25
N SER A 565 -24.20 -18.19 -31.58
CA SER A 565 -24.91 -17.35 -30.62
C SER A 565 -25.70 -16.26 -31.33
N ILE A 566 -25.15 -15.72 -32.43
CA ILE A 566 -25.91 -14.80 -33.26
C ILE A 566 -27.22 -15.44 -33.66
N ASN A 567 -27.17 -16.72 -33.99
CA ASN A 567 -28.31 -17.39 -34.57
C ASN A 567 -29.28 -17.94 -33.53
N PHE A 568 -28.78 -18.36 -32.35
CA PHE A 568 -29.60 -19.14 -31.44
C PHE A 568 -29.43 -18.77 -29.96
N ARG A 569 -28.80 -17.64 -29.65
CA ARG A 569 -28.65 -17.19 -28.26
C ARG A 569 -27.95 -18.24 -27.40
N ARG A 570 -27.02 -18.98 -28.00
CA ARG A 570 -26.29 -20.04 -27.34
C ARG A 570 -24.88 -19.54 -27.06
N PHE A 571 -24.70 -18.98 -25.86
CA PHE A 571 -23.41 -18.48 -25.40
C PHE A 571 -22.81 -19.51 -24.45
N THR A 572 -21.72 -20.14 -24.88
CA THR A 572 -21.03 -21.14 -24.08
C THR A 572 -19.54 -21.04 -24.40
N SER A 573 -18.79 -22.09 -24.02
CA SER A 573 -17.35 -22.16 -24.31
C SER A 573 -17.04 -21.88 -25.78
N ALA A 574 -17.95 -22.20 -26.68
CA ALA A 574 -17.75 -21.96 -28.10
C ALA A 574 -17.56 -20.47 -28.39
N SER A 575 -18.61 -19.69 -28.14
CA SER A 575 -18.52 -18.25 -28.36
C SER A 575 -17.49 -17.61 -27.46
N ASP A 576 -17.23 -18.23 -26.30
CA ASP A 576 -16.15 -17.76 -25.44
C ASP A 576 -14.84 -17.77 -26.21
N VAL A 577 -14.49 -18.94 -26.75
CA VAL A 577 -13.26 -19.06 -27.51
C VAL A 577 -13.31 -18.14 -28.73
N TRP A 578 -14.49 -17.96 -29.33
CA TRP A 578 -14.60 -17.13 -30.52
C TRP A 578 -14.25 -15.68 -30.23
N MET A 579 -15.01 -15.07 -29.35
CA MET A 579 -14.77 -13.67 -29.05
C MET A 579 -13.47 -13.49 -28.30
N PHE A 580 -12.96 -14.53 -27.65
CA PHE A 580 -11.60 -14.51 -27.15
C PHE A 580 -10.62 -14.33 -28.29
N GLY A 581 -10.87 -15.00 -29.41
CA GLY A 581 -10.03 -14.85 -30.57
C GLY A 581 -10.23 -13.51 -31.24
N VAL A 582 -11.46 -13.00 -31.24
CA VAL A 582 -11.71 -11.65 -31.71
C VAL A 582 -10.88 -10.67 -30.90
N CYS A 583 -10.80 -10.91 -29.60
CA CYS A 583 -10.04 -10.06 -28.72
C CYS A 583 -8.55 -10.17 -29.01
N MET A 584 -8.02 -11.39 -29.10
CA MET A 584 -6.62 -11.58 -29.43
C MET A 584 -6.27 -10.90 -30.73
N TRP A 585 -7.15 -11.08 -31.73
CA TRP A 585 -6.99 -10.43 -33.02
C TRP A 585 -6.84 -8.94 -32.85
N GLU A 586 -7.89 -8.29 -32.33
CA GLU A 586 -7.90 -6.83 -32.25
C GLU A 586 -6.74 -6.30 -31.42
N ILE A 587 -6.33 -7.05 -30.39
CA ILE A 587 -5.12 -6.66 -29.65
C ILE A 587 -3.94 -6.62 -30.60
N LEU A 588 -3.79 -7.67 -31.39
CA LEU A 588 -2.68 -7.71 -32.31
C LEU A 588 -2.89 -6.82 -33.54
N MET A 589 -4.07 -6.22 -33.70
CA MET A 589 -4.35 -5.39 -34.86
C MET A 589 -3.80 -4.00 -34.72
N HIS A 590 -3.23 -3.66 -33.57
CA HIS A 590 -3.27 -2.30 -33.08
C HIS A 590 -4.72 -1.81 -33.00
N GLY A 591 -5.64 -2.74 -32.73
CA GLY A 591 -6.99 -2.41 -32.33
C GLY A 591 -7.79 -1.59 -33.31
N VAL A 592 -7.55 -1.75 -34.60
CA VAL A 592 -8.45 -1.14 -35.57
C VAL A 592 -9.77 -1.90 -35.56
N LYS A 593 -10.87 -1.16 -35.80
CA LYS A 593 -12.24 -1.66 -35.62
C LYS A 593 -12.45 -2.95 -36.40
N PRO A 594 -13.25 -3.90 -35.90
CA PRO A 594 -13.36 -5.20 -36.58
C PRO A 594 -14.22 -5.15 -37.82
N PHE A 595 -13.84 -5.97 -38.81
CA PHE A 595 -14.59 -6.11 -40.05
C PHE A 595 -14.82 -4.75 -40.69
N GLN A 596 -13.70 -4.17 -41.11
CA GLN A 596 -13.66 -2.76 -41.45
C GLN A 596 -14.52 -2.50 -42.68
N GLY A 597 -15.60 -1.76 -42.49
CA GLY A 597 -16.51 -1.44 -43.58
C GLY A 597 -17.37 -2.62 -43.96
N VAL A 598 -18.13 -3.14 -43.00
CA VAL A 598 -18.89 -4.37 -43.16
C VAL A 598 -20.26 -4.17 -42.54
N LYS A 599 -21.25 -4.91 -43.03
CA LYS A 599 -22.63 -4.82 -42.57
C LYS A 599 -23.01 -6.10 -41.85
N ASN A 600 -23.59 -5.93 -40.65
CA ASN A 600 -23.80 -7.02 -39.70
C ASN A 600 -24.59 -8.17 -40.30
N ASN A 601 -25.44 -7.89 -41.29
CA ASN A 601 -26.15 -8.97 -41.97
C ASN A 601 -25.21 -9.71 -42.91
N ASP A 602 -24.39 -8.97 -43.65
CA ASP A 602 -23.41 -9.60 -44.53
C ASP A 602 -22.39 -10.40 -43.75
N VAL A 603 -22.17 -10.02 -42.49
CA VAL A 603 -21.20 -10.69 -41.63
C VAL A 603 -21.49 -12.18 -41.58
N ILE A 604 -22.69 -12.52 -41.10
CA ILE A 604 -22.98 -13.93 -40.84
C ILE A 604 -23.10 -14.71 -42.13
N GLY A 605 -23.51 -14.05 -43.22
CA GLY A 605 -23.48 -14.71 -44.51
C GLY A 605 -22.08 -15.10 -44.93
N ARG A 606 -21.13 -14.18 -44.77
CA ARG A 606 -19.76 -14.50 -45.14
C ARG A 606 -19.11 -15.45 -44.14
N ILE A 607 -19.65 -15.52 -42.92
CA ILE A 607 -19.25 -16.58 -42.01
C ILE A 607 -19.72 -17.91 -42.54
N GLU A 608 -20.96 -17.95 -43.01
CA GLU A 608 -21.45 -19.16 -43.66
C GLU A 608 -20.63 -19.49 -44.89
N ASN A 609 -19.96 -18.49 -45.47
CA ASN A 609 -18.87 -18.74 -46.41
C ASN A 609 -17.54 -19.01 -45.72
N GLY A 610 -17.55 -19.34 -44.42
CA GLY A 610 -16.38 -19.68 -43.65
C GLY A 610 -15.25 -18.66 -43.73
N GLU A 611 -15.60 -17.41 -43.97
CA GLU A 611 -14.58 -16.40 -44.14
C GLU A 611 -14.05 -15.93 -42.80
N ARG A 612 -12.73 -15.90 -42.69
CA ARG A 612 -12.04 -15.37 -41.52
C ARG A 612 -11.16 -14.22 -41.95
N LEU A 613 -10.78 -13.41 -40.97
CA LEU A 613 -10.15 -12.15 -41.29
C LEU A 613 -8.65 -12.36 -41.53
N PRO A 614 -8.04 -11.51 -42.36
CA PRO A 614 -6.67 -11.78 -42.78
C PRO A 614 -5.70 -11.63 -41.63
N MET A 615 -4.56 -12.29 -41.80
CA MET A 615 -3.47 -12.12 -40.87
C MET A 615 -3.05 -10.66 -40.81
N PRO A 616 -2.52 -10.20 -39.68
CA PRO A 616 -1.92 -8.87 -39.63
C PRO A 616 -0.63 -8.79 -40.41
N PRO A 617 -0.12 -7.60 -40.65
CA PRO A 617 1.31 -7.47 -40.92
C PRO A 617 2.11 -7.88 -39.70
N ASN A 618 3.27 -8.49 -39.97
CA ASN A 618 4.24 -8.81 -38.93
C ASN A 618 3.67 -9.76 -37.89
N CYS A 619 2.80 -10.63 -38.31
CA CYS A 619 2.16 -11.56 -37.38
C CYS A 619 2.97 -12.85 -37.29
N PRO A 620 3.33 -13.33 -36.09
CA PRO A 620 4.11 -14.56 -36.00
C PRO A 620 3.27 -15.82 -36.10
N PRO A 621 3.94 -16.94 -36.41
CA PRO A 621 3.25 -18.12 -36.92
C PRO A 621 2.34 -18.84 -35.95
N THR A 622 2.87 -19.29 -34.83
CA THR A 622 2.09 -20.16 -33.97
C THR A 622 1.02 -19.38 -33.24
N LEU A 623 1.27 -18.10 -32.97
CA LEU A 623 0.24 -17.23 -32.45
C LEU A 623 -0.92 -17.14 -33.44
N TYR A 624 -0.63 -16.88 -34.72
CA TYR A 624 -1.70 -16.88 -35.69
C TYR A 624 -2.34 -18.25 -35.83
N SER A 625 -1.53 -19.30 -35.69
CA SER A 625 -2.04 -20.65 -35.82
C SER A 625 -3.10 -20.92 -34.78
N LEU A 626 -2.82 -20.54 -33.54
CA LEU A 626 -3.80 -20.71 -32.48
C LEU A 626 -5.01 -19.83 -32.72
N MET A 627 -4.82 -18.64 -33.30
CA MET A 627 -5.97 -17.83 -33.68
C MET A 627 -6.85 -18.58 -34.65
N THR A 628 -6.23 -19.26 -35.61
CA THR A 628 -7.00 -20.02 -36.57
C THR A 628 -7.66 -21.24 -35.92
N LYS A 629 -6.98 -21.84 -34.95
CA LYS A 629 -7.58 -22.95 -34.21
C LYS A 629 -8.86 -22.50 -33.54
N CYS A 630 -8.86 -21.29 -33.00
CA CYS A 630 -10.07 -20.71 -32.45
C CYS A 630 -11.04 -20.27 -33.53
N TRP A 631 -10.57 -20.10 -34.76
CA TRP A 631 -11.43 -19.75 -35.86
C TRP A 631 -12.17 -20.95 -36.45
N ALA A 632 -12.10 -22.12 -35.81
CA ALA A 632 -12.76 -23.30 -36.35
C ALA A 632 -14.27 -23.10 -36.39
N TYR A 633 -14.86 -23.20 -37.57
CA TYR A 633 -16.31 -23.13 -37.70
C TYR A 633 -17.01 -24.29 -36.98
N ASP A 634 -16.27 -25.31 -36.55
CA ASP A 634 -16.78 -26.25 -35.57
C ASP A 634 -16.67 -25.61 -34.19
N PRO A 635 -17.77 -25.10 -33.62
CA PRO A 635 -17.67 -24.49 -32.30
C PRO A 635 -17.25 -25.45 -31.23
N SER A 636 -17.65 -26.72 -31.37
CA SER A 636 -17.27 -27.72 -30.37
C SER A 636 -15.77 -27.92 -30.34
N ARG A 637 -15.10 -27.73 -31.47
CA ARG A 637 -13.68 -28.05 -31.60
C ARG A 637 -12.79 -26.82 -31.65
N ARG A 638 -13.36 -25.63 -31.59
CA ARG A 638 -12.52 -24.48 -31.24
C ARG A 638 -11.89 -24.77 -29.88
N PRO A 639 -10.54 -24.78 -29.78
CA PRO A 639 -9.84 -25.10 -28.52
C PRO A 639 -10.11 -24.11 -27.38
N ARG A 640 -10.00 -24.60 -26.15
CA ARG A 640 -10.27 -23.80 -24.92
C ARG A 640 -9.14 -22.81 -24.64
N PHE A 641 -9.42 -21.84 -23.77
CA PHE A 641 -8.48 -20.76 -23.36
C PHE A 641 -7.31 -21.34 -22.55
N THR A 642 -7.59 -22.33 -21.69
CA THR A 642 -6.58 -23.00 -20.81
C THR A 642 -5.49 -23.61 -21.70
N GLU A 643 -5.90 -24.25 -22.81
CA GLU A 643 -4.99 -24.86 -23.81
C GLU A 643 -4.34 -23.74 -24.63
N LEU A 644 -5.12 -22.71 -24.99
CA LEU A 644 -4.58 -21.53 -25.71
C LEU A 644 -3.54 -20.84 -24.82
N LYS A 645 -3.84 -20.72 -23.52
CA LYS A 645 -2.91 -20.06 -22.55
C LYS A 645 -1.61 -20.88 -22.49
N ALA A 646 -1.71 -22.21 -22.50
CA ALA A 646 -0.52 -23.07 -22.48
C ALA A 646 0.27 -22.79 -23.77
N GLN A 647 -0.46 -22.64 -24.87
CA GLN A 647 0.13 -22.35 -26.18
C GLN A 647 0.66 -20.91 -26.25
N LEU A 648 -0.08 -19.98 -25.66
CA LEU A 648 0.36 -18.58 -25.61
C LEU A 648 1.62 -18.45 -24.78
N SER A 649 1.70 -19.21 -23.69
CA SER A 649 2.88 -19.25 -22.84
C SER A 649 4.12 -19.68 -23.63
N THR A 650 3.93 -20.66 -24.53
CA THR A 650 4.99 -21.20 -25.37
C THR A 650 5.40 -20.23 -26.49
N ILE A 651 4.41 -19.62 -27.13
CA ILE A 651 4.61 -18.61 -28.18
C ILE A 651 5.33 -17.35 -27.63
N LEU A 652 4.95 -16.95 -26.42
CA LEU A 652 5.58 -15.82 -25.73
C LEU A 652 7.08 -16.05 -25.46
N GLU A 653 7.44 -17.25 -24.98
CA GLU A 653 8.83 -17.63 -24.76
C GLU A 653 9.65 -17.64 -26.06
N GLU A 654 9.07 -18.18 -27.12
CA GLU A 654 9.73 -18.22 -28.43
C GLU A 654 9.99 -16.81 -28.96
N GLU A 655 9.03 -15.91 -28.79
CA GLU A 655 9.20 -14.52 -29.20
C GLU A 655 10.31 -13.80 -28.41
N LYS A 656 10.28 -13.93 -27.08
CA LYS A 656 11.31 -13.34 -26.22
C LYS A 656 12.68 -13.97 -26.47
N LEU A 657 12.68 -15.26 -26.80
CA LEU A 657 13.91 -15.98 -27.13
C LEU A 657 14.47 -15.59 -28.49
N GLN A 658 13.60 -15.58 -29.51
CA GLN A 658 13.98 -15.19 -30.86
C GLN A 658 13.40 -13.80 -31.21
N GLU B 6 12.91 -18.44 5.19
CA GLU B 6 12.55 -18.06 3.79
C GLU B 6 13.61 -17.09 3.24
N ARG B 7 14.32 -17.50 2.19
CA ARG B 7 15.36 -16.69 1.59
C ARG B 7 14.99 -16.23 0.17
N VAL B 8 14.78 -14.92 0.00
CA VAL B 8 14.42 -14.37 -1.30
C VAL B 8 15.36 -13.25 -1.71
N LEU B 9 15.76 -13.22 -2.98
CA LEU B 9 16.69 -12.21 -3.44
C LEU B 9 16.26 -11.53 -4.73
N LYS B 10 16.49 -10.22 -4.78
CA LYS B 10 16.17 -9.46 -5.98
C LYS B 10 17.46 -9.18 -6.73
N VAL B 11 17.51 -9.63 -7.99
CA VAL B 11 18.69 -9.45 -8.83
C VAL B 11 18.38 -8.71 -10.10
N PHE B 12 18.89 -7.49 -10.23
CA PHE B 12 18.66 -6.71 -11.46
C PHE B 12 19.51 -7.32 -12.56
N HIS B 13 19.07 -7.12 -13.79
CA HIS B 13 19.79 -7.64 -14.94
C HIS B 13 19.43 -6.83 -16.18
N TYR B 14 19.99 -7.23 -17.32
CA TYR B 14 19.75 -6.52 -18.57
C TYR B 14 19.05 -7.34 -19.65
N PHE B 15 18.24 -8.31 -19.24
CA PHE B 15 17.45 -9.11 -20.17
C PHE B 15 16.18 -8.28 -20.38
N GLU B 16 15.97 -7.85 -21.62
CA GLU B 16 14.88 -6.90 -21.97
C GLU B 16 13.51 -7.38 -21.49
N ASN B 17 12.75 -6.44 -20.90
CA ASN B 17 11.38 -6.62 -20.36
C ASN B 17 10.49 -5.50 -20.92
N SER B 18 9.18 -5.68 -20.90
CA SER B 18 8.25 -4.65 -21.45
C SER B 18 7.69 -3.81 -20.29
N SER B 19 7.96 -2.50 -20.38
CA SER B 19 7.73 -1.28 -19.53
C SER B 19 9.12 -0.60 -19.44
N GLU B 20 9.59 -0.02 -18.31
CA GLU B 20 10.85 0.78 -18.22
C GLU B 20 12.13 -0.04 -18.07
N PRO B 21 13.20 0.39 -18.79
CA PRO B 21 14.38 -0.44 -19.15
C PRO B 21 15.28 -1.14 -18.13
N THR B 22 15.30 -0.65 -16.88
CA THR B 22 16.08 -1.23 -15.79
C THR B 22 15.21 -1.53 -14.58
N THR B 23 13.95 -1.86 -14.82
CA THR B 23 13.07 -2.44 -13.81
C THR B 23 12.94 -3.94 -14.04
N TRP B 24 14.09 -4.54 -14.33
CA TRP B 24 14.19 -5.92 -14.77
C TRP B 24 14.68 -6.69 -13.56
N ALA B 25 13.72 -7.24 -12.83
CA ALA B 25 13.88 -7.57 -11.42
C ALA B 25 13.74 -9.06 -11.19
N SER B 26 14.80 -9.66 -10.65
CA SER B 26 14.78 -11.07 -10.33
C SER B 26 14.15 -11.30 -8.97
N ILE B 27 13.12 -12.16 -8.97
CA ILE B 27 12.47 -12.67 -7.74
C ILE B 27 13.06 -14.07 -7.59
N ILE B 28 14.11 -14.18 -6.78
CA ILE B 28 14.81 -15.49 -6.69
C ILE B 28 14.61 -16.06 -5.28
N ARG B 29 14.07 -17.28 -5.24
CA ARG B 29 13.86 -17.96 -3.96
C ARG B 29 15.01 -18.97 -3.96
N HIS B 30 15.78 -19.02 -2.89
CA HIS B 30 16.90 -19.96 -2.85
C HIS B 30 17.07 -20.63 -1.48
N GLY B 31 18.01 -21.56 -1.42
CA GLY B 31 18.27 -22.29 -0.19
C GLY B 31 19.45 -21.76 0.60
N ASP B 32 19.68 -22.37 1.76
CA ASP B 32 20.76 -21.99 2.65
C ASP B 32 22.16 -22.28 2.10
N ALA B 33 22.25 -23.22 1.17
CA ALA B 33 23.55 -23.56 0.60
C ALA B 33 23.72 -23.07 -0.83
N THR B 34 22.71 -22.34 -1.28
CA THR B 34 22.63 -21.96 -2.71
C THR B 34 23.88 -21.22 -3.14
N ASP B 35 24.54 -21.75 -4.17
CA ASP B 35 25.71 -21.09 -4.79
C ASP B 35 25.16 -20.13 -5.84
N VAL B 36 25.99 -19.18 -6.28
CA VAL B 36 25.64 -18.22 -7.36
C VAL B 36 25.51 -19.02 -8.67
N ARG B 37 26.24 -20.13 -8.76
CA ARG B 37 26.28 -21.01 -9.96
C ARG B 37 24.87 -21.46 -10.35
N GLY B 38 24.15 -22.11 -9.43
CA GLY B 38 22.84 -22.63 -9.78
C GLY B 38 21.79 -21.54 -9.89
N ILE B 39 21.94 -20.49 -9.10
CA ILE B 39 21.01 -19.35 -9.18
C ILE B 39 21.02 -18.81 -10.59
N ILE B 40 22.19 -18.40 -11.06
CA ILE B 40 22.28 -17.76 -12.36
C ILE B 40 22.02 -18.77 -13.44
N GLN B 41 22.32 -20.04 -13.15
CA GLN B 41 22.04 -21.15 -14.08
C GLN B 41 20.54 -21.12 -14.35
N LYS B 42 19.74 -21.03 -13.29
CA LYS B 42 18.30 -20.93 -13.42
C LYS B 42 17.89 -19.67 -14.17
N ILE B 43 18.54 -18.55 -13.83
CA ILE B 43 18.13 -17.26 -14.40
C ILE B 43 18.32 -17.27 -15.90
N VAL B 44 19.36 -17.92 -16.39
CA VAL B 44 19.64 -17.92 -17.81
C VAL B 44 18.88 -19.03 -18.51
N ASP B 45 18.65 -20.15 -17.84
CA ASP B 45 17.80 -21.18 -18.38
C ASP B 45 16.37 -20.67 -18.54
N CYS B 46 16.00 -19.64 -17.78
CA CYS B 46 14.75 -18.94 -18.03
C CYS B 46 14.78 -18.12 -19.30
N HIS B 47 15.93 -18.00 -19.97
CA HIS B 47 16.05 -17.20 -21.19
C HIS B 47 16.78 -17.93 -22.31
N LYS B 48 16.97 -19.25 -22.19
CA LYS B 48 17.55 -20.12 -23.25
C LYS B 48 18.83 -19.49 -23.83
N VAL B 49 19.91 -19.56 -23.07
CA VAL B 49 21.18 -18.91 -23.39
C VAL B 49 22.30 -19.93 -23.41
N LYS B 50 23.32 -19.67 -24.22
CA LYS B 50 24.52 -20.47 -24.29
C LYS B 50 25.52 -20.12 -23.19
N ASN B 51 25.85 -18.85 -23.08
CA ASN B 51 26.95 -18.39 -22.27
C ASN B 51 26.69 -18.67 -20.80
N VAL B 52 27.63 -19.38 -20.17
CA VAL B 52 27.37 -20.14 -18.95
C VAL B 52 28.28 -19.71 -17.82
N ALA B 53 29.58 -19.57 -18.10
CA ALA B 53 30.58 -19.19 -17.10
C ALA B 53 31.03 -17.76 -17.30
N CYS B 54 30.09 -16.92 -17.67
CA CYS B 54 30.37 -15.66 -18.34
C CYS B 54 29.89 -14.45 -17.57
N TYR B 55 28.81 -14.57 -16.82
CA TYR B 55 28.21 -13.44 -16.13
C TYR B 55 28.80 -13.30 -14.75
N GLY B 56 29.29 -12.09 -14.46
CA GLY B 56 29.79 -11.75 -13.14
C GLY B 56 28.73 -11.18 -12.23
N LEU B 57 28.47 -11.86 -11.13
CA LEU B 57 27.54 -11.40 -10.11
C LEU B 57 28.24 -10.38 -9.21
N ARG B 58 27.53 -9.30 -8.89
CA ARG B 58 28.12 -8.13 -8.26
C ARG B 58 27.20 -7.64 -7.14
N LEU B 59 27.80 -6.93 -6.18
CA LEU B 59 27.10 -6.28 -5.08
C LEU B 59 26.86 -4.81 -5.40
N SER B 60 25.95 -4.19 -4.65
CA SER B 60 25.72 -2.76 -4.82
C SER B 60 25.03 -2.17 -3.61
N HIS B 61 25.57 -1.04 -3.13
CA HIS B 61 25.06 -0.28 -2.00
C HIS B 61 24.52 1.04 -2.54
N LEU B 62 23.21 1.24 -2.41
CA LEU B 62 22.53 2.36 -3.05
C LEU B 62 23.18 3.69 -2.72
N GLN B 63 23.58 3.86 -1.47
CA GLN B 63 24.14 5.13 -0.99
C GLN B 63 25.65 5.09 -0.91
N SER B 64 26.29 4.37 -1.84
CA SER B 64 27.73 4.33 -1.91
C SER B 64 28.12 4.03 -3.34
N GLU B 65 29.42 3.87 -3.57
CA GLU B 65 29.96 3.63 -4.91
C GLU B 65 30.95 2.48 -4.97
N GLU B 66 31.49 2.02 -3.86
CA GLU B 66 32.34 0.84 -3.85
C GLU B 66 31.45 -0.40 -3.77
N VAL B 67 31.80 -1.41 -4.57
CA VAL B 67 30.97 -2.58 -4.77
C VAL B 67 31.81 -3.82 -4.55
N HIS B 68 31.23 -4.98 -4.82
CA HIS B 68 31.95 -6.24 -4.83
C HIS B 68 31.48 -7.01 -6.06
N TRP B 69 32.38 -7.26 -7.00
CA TRP B 69 32.13 -8.26 -8.04
C TRP B 69 32.16 -9.61 -7.35
N LEU B 70 30.98 -10.20 -7.16
CA LEU B 70 30.83 -11.26 -6.18
C LEU B 70 31.17 -12.63 -6.75
N HIS B 71 31.96 -13.38 -5.98
CA HIS B 71 32.29 -14.76 -6.24
C HIS B 71 31.03 -15.62 -6.27
N LEU B 72 31.17 -16.86 -6.72
CA LEU B 72 30.05 -17.77 -6.87
C LEU B 72 29.87 -18.67 -5.65
N ASP B 73 30.86 -19.50 -5.33
CA ASP B 73 30.71 -20.44 -4.23
C ASP B 73 30.72 -19.76 -2.87
N MET B 74 31.11 -18.49 -2.80
CA MET B 74 30.85 -17.72 -1.60
C MET B 74 29.34 -17.71 -1.39
N GLY B 75 28.89 -18.29 -0.27
CA GLY B 75 27.48 -18.62 -0.12
C GLY B 75 26.60 -17.38 -0.22
N VAL B 76 25.42 -17.57 -0.81
CA VAL B 76 24.48 -16.46 -0.96
C VAL B 76 24.08 -15.93 0.41
N SER B 77 23.66 -16.83 1.29
CA SER B 77 23.34 -16.44 2.64
C SER B 77 24.57 -15.89 3.36
N ASN B 78 25.76 -16.33 2.97
CA ASN B 78 26.97 -15.77 3.59
C ASN B 78 27.20 -14.33 3.15
N VAL B 79 26.87 -13.98 1.91
CA VAL B 79 26.86 -12.58 1.49
C VAL B 79 25.85 -11.81 2.34
N ARG B 80 24.66 -12.39 2.47
CA ARG B 80 23.59 -11.74 3.21
C ARG B 80 24.01 -11.47 4.65
N GLU B 81 24.70 -12.42 5.27
CA GLU B 81 25.36 -12.20 6.54
C GLU B 81 26.35 -11.06 6.42
N LYS B 82 27.41 -11.31 5.65
CA LYS B 82 28.58 -10.46 5.57
C LYS B 82 28.26 -8.99 5.30
N PHE B 83 27.11 -8.70 4.69
CA PHE B 83 26.72 -7.34 4.39
C PHE B 83 25.30 -7.00 4.81
N GLU B 84 24.73 -7.70 5.79
CA GLU B 84 23.66 -7.14 6.60
C GLU B 84 24.05 -7.06 8.07
N LEU B 85 25.15 -7.71 8.46
CA LEU B 85 25.89 -7.25 9.62
C LEU B 85 26.35 -5.81 9.44
N ALA B 86 26.49 -5.37 8.19
CA ALA B 86 27.02 -4.05 7.89
C ALA B 86 25.96 -2.96 8.01
N HIS B 87 24.94 -3.01 7.16
CA HIS B 87 23.98 -1.92 7.07
C HIS B 87 22.63 -2.51 6.68
N PRO B 88 21.56 -1.70 6.75
CA PRO B 88 20.23 -2.23 6.42
C PRO B 88 20.11 -2.59 4.95
N PRO B 89 19.24 -3.56 4.62
CA PRO B 89 19.26 -4.12 3.26
C PRO B 89 18.75 -3.18 2.18
N GLU B 90 17.76 -2.33 2.45
CA GLU B 90 17.17 -1.50 1.40
C GLU B 90 18.18 -0.56 0.77
N GLU B 91 19.26 -0.28 1.48
CA GLU B 91 20.40 0.39 0.87
C GLU B 91 21.36 -0.59 0.23
N TRP B 92 21.40 -1.84 0.68
CA TRP B 92 22.12 -2.87 -0.05
C TRP B 92 21.35 -3.24 -1.32
N LYS B 93 22.05 -3.88 -2.24
CA LYS B 93 21.44 -4.25 -3.51
C LYS B 93 22.38 -5.19 -4.25
N TYR B 94 21.79 -6.06 -5.06
CA TYR B 94 22.52 -7.06 -5.81
C TYR B 94 22.36 -6.83 -7.30
N GLU B 95 23.44 -7.11 -8.04
CA GLU B 95 23.52 -6.80 -9.45
C GLU B 95 24.27 -7.91 -10.17
N LEU B 96 23.74 -8.33 -11.31
CA LEU B 96 24.36 -9.34 -12.13
C LEU B 96 24.75 -8.76 -13.47
N ARG B 97 25.93 -9.11 -13.96
CA ARG B 97 26.51 -8.51 -15.13
C ARG B 97 27.41 -9.52 -15.81
N ILE B 98 27.68 -9.29 -17.09
CA ILE B 98 28.90 -9.82 -17.67
C ILE B 98 30.07 -9.21 -16.95
N ARG B 99 31.11 -9.98 -16.81
CA ARG B 99 32.42 -9.47 -16.54
C ARG B 99 33.45 -9.99 -17.52
N TYR B 100 33.08 -10.93 -18.39
CA TYR B 100 34.02 -11.70 -19.19
C TYR B 100 33.66 -11.66 -20.66
N LEU B 101 34.70 -11.75 -21.48
CA LEU B 101 34.59 -11.59 -22.92
C LEU B 101 35.65 -12.46 -23.60
N PRO B 102 35.28 -13.37 -24.52
CA PRO B 102 36.32 -14.11 -25.21
C PRO B 102 36.98 -13.22 -26.25
N LYS B 103 37.85 -13.82 -27.07
CA LYS B 103 38.66 -13.05 -28.00
C LYS B 103 37.78 -12.20 -28.92
N GLY B 104 36.99 -12.84 -29.77
CA GLY B 104 36.04 -12.15 -30.59
C GLY B 104 34.69 -12.17 -29.90
N PHE B 105 34.63 -11.53 -28.72
CA PHE B 105 33.44 -11.57 -27.90
C PHE B 105 32.21 -11.13 -28.67
N LEU B 106 32.36 -10.16 -29.57
CA LEU B 106 31.25 -9.79 -30.44
C LEU B 106 30.77 -10.99 -31.25
N ASN B 107 31.68 -11.87 -31.65
CA ASN B 107 31.30 -13.03 -32.45
C ASN B 107 30.77 -14.18 -31.60
N GLN B 108 31.49 -14.53 -30.53
CA GLN B 108 31.01 -15.58 -29.65
C GLN B 108 29.83 -15.15 -28.80
N PHE B 109 29.38 -13.90 -28.92
CA PHE B 109 28.07 -13.49 -28.46
C PHE B 109 27.12 -13.16 -29.60
N THR B 110 27.62 -13.05 -30.83
CA THR B 110 26.76 -13.03 -31.98
C THR B 110 26.12 -14.40 -32.18
N GLU B 111 26.83 -15.46 -31.79
CA GLU B 111 26.20 -16.78 -31.76
C GLU B 111 25.12 -16.85 -30.68
N ASP B 112 25.20 -15.99 -29.66
CA ASP B 112 24.28 -15.98 -28.52
C ASP B 112 23.61 -14.61 -28.45
N LYS B 113 22.56 -14.44 -29.26
CA LYS B 113 21.85 -13.17 -29.33
C LYS B 113 21.30 -12.68 -27.99
N PRO B 114 20.68 -13.50 -27.15
CA PRO B 114 20.17 -12.92 -25.90
C PRO B 114 21.28 -12.38 -25.02
N THR B 115 22.44 -13.03 -25.01
CA THR B 115 23.56 -12.47 -24.29
C THR B 115 24.10 -11.23 -24.99
N LEU B 116 23.97 -11.15 -26.31
CA LEU B 116 24.34 -9.93 -27.00
C LEU B 116 23.49 -8.77 -26.52
N ASN B 117 22.19 -9.00 -26.36
CA ASN B 117 21.32 -7.97 -25.80
C ASN B 117 21.68 -7.69 -24.34
N PHE B 118 22.05 -8.73 -23.59
CA PHE B 118 22.40 -8.56 -22.18
C PHE B 118 23.59 -7.63 -22.04
N PHE B 119 24.66 -7.93 -22.76
CA PHE B 119 25.84 -7.09 -22.82
C PHE B 119 25.52 -5.72 -23.34
N TYR B 120 24.59 -5.61 -24.29
CA TYR B 120 24.20 -4.31 -24.81
C TYR B 120 23.66 -3.45 -23.70
N GLN B 121 22.60 -3.94 -23.07
CA GLN B 121 21.96 -3.26 -21.96
C GLN B 121 22.98 -2.93 -20.89
N GLN B 122 23.93 -3.83 -20.66
CA GLN B 122 24.91 -3.69 -19.61
C GLN B 122 25.88 -2.54 -19.89
N VAL B 123 26.56 -2.63 -21.03
CA VAL B 123 27.52 -1.60 -21.45
C VAL B 123 26.83 -0.26 -21.49
N LYS B 124 25.62 -0.22 -22.05
CA LYS B 124 24.87 1.00 -22.11
C LYS B 124 24.50 1.48 -20.72
N ASN B 125 24.28 0.54 -19.79
CA ASN B 125 24.02 0.95 -18.42
C ASN B 125 25.16 1.80 -17.92
N ASP B 126 26.37 1.22 -17.89
CA ASP B 126 27.54 1.97 -17.44
C ASP B 126 27.71 3.27 -18.20
N TYR B 127 27.36 3.27 -19.48
CA TYR B 127 27.40 4.49 -20.28
C TYR B 127 26.49 5.55 -19.70
N MET B 128 25.23 5.21 -19.57
CA MET B 128 24.25 6.18 -19.10
C MET B 128 24.50 6.57 -17.65
N LEU B 129 25.16 5.71 -16.87
CA LEU B 129 25.67 6.15 -15.56
C LEU B 129 26.65 7.29 -15.74
N GLU B 130 27.75 7.01 -16.42
CA GLU B 130 28.96 7.79 -16.23
C GLU B 130 29.08 8.97 -17.18
N ILE B 131 28.71 8.78 -18.44
CA ILE B 131 29.17 9.65 -19.52
C ILE B 131 28.00 10.14 -20.38
N ALA B 132 26.76 9.80 -19.97
CA ALA B 132 25.56 10.12 -20.73
C ALA B 132 25.47 11.61 -21.02
N ASP B 133 25.40 12.42 -19.98
CA ASP B 133 25.26 13.87 -20.14
C ASP B 133 26.59 14.56 -20.42
N GLN B 134 27.65 13.80 -20.70
CA GLN B 134 29.01 14.33 -20.78
C GLN B 134 29.61 14.26 -22.18
N VAL B 135 29.67 13.07 -22.78
CA VAL B 135 30.33 12.95 -24.09
C VAL B 135 29.47 13.69 -25.11
N ASP B 136 30.09 14.02 -26.24
CA ASP B 136 29.63 15.08 -27.12
C ASP B 136 28.30 14.76 -27.82
N GLN B 137 27.80 15.82 -28.46
CA GLN B 137 26.54 15.84 -29.17
C GLN B 137 26.45 14.69 -30.15
N GLU B 138 27.32 14.69 -31.16
CA GLU B 138 27.23 13.72 -32.24
C GLU B 138 27.41 12.31 -31.74
N ILE B 139 28.29 12.12 -30.75
CA ILE B 139 28.50 10.81 -30.15
C ILE B 139 27.18 10.26 -29.64
N ALA B 140 26.53 11.02 -28.78
CA ALA B 140 25.30 10.52 -28.20
C ALA B 140 24.16 10.47 -29.20
N LEU B 141 24.18 11.29 -30.25
CA LEU B 141 23.13 11.20 -31.26
C LEU B 141 23.24 9.89 -32.01
N LYS B 142 24.48 9.53 -32.41
CA LYS B 142 24.74 8.23 -33.00
C LYS B 142 24.23 7.13 -32.11
N LEU B 143 24.69 7.12 -30.86
CA LEU B 143 24.34 6.06 -29.93
C LEU B 143 22.83 6.02 -29.70
N GLY B 144 22.19 7.19 -29.74
CA GLY B 144 20.78 7.24 -29.43
C GLY B 144 19.91 6.73 -30.56
N CYS B 145 20.28 7.05 -31.80
CA CYS B 145 19.50 6.52 -32.90
C CYS B 145 19.79 5.04 -33.12
N LEU B 146 20.99 4.58 -32.72
CA LEU B 146 21.21 3.15 -32.66
C LEU B 146 20.30 2.50 -31.61
N GLU B 147 20.17 3.17 -30.46
CA GLU B 147 19.24 2.71 -29.43
C GLU B 147 17.82 2.63 -29.98
N ILE B 148 17.44 3.60 -30.82
CA ILE B 148 16.12 3.59 -31.45
C ILE B 148 16.01 2.28 -32.21
N ARG B 149 16.85 2.13 -33.23
CA ARG B 149 16.66 1.03 -34.16
C ARG B 149 16.82 -0.33 -33.48
N ARG B 150 17.45 -0.39 -32.30
CA ARG B 150 17.52 -1.66 -31.59
C ARG B 150 16.22 -1.91 -30.85
N SER B 151 15.82 -0.97 -29.99
CA SER B 151 14.60 -1.16 -29.21
C SER B 151 13.40 -1.34 -30.12
N TYR B 152 13.44 -0.73 -31.30
CA TYR B 152 12.45 -0.94 -32.34
C TYR B 152 12.97 -2.03 -33.26
N GLY B 153 12.56 -3.26 -32.95
CA GLY B 153 12.96 -4.38 -33.79
C GLY B 153 12.24 -4.45 -35.12
N GLU B 154 11.05 -3.81 -35.17
CA GLU B 154 10.15 -3.91 -36.37
C GLU B 154 9.56 -2.57 -36.84
N MET B 155 10.04 -1.41 -36.35
CA MET B 155 9.60 -0.12 -36.85
C MET B 155 10.09 0.09 -38.28
N ARG B 156 9.36 0.96 -38.99
CA ARG B 156 9.73 1.32 -40.35
C ARG B 156 10.99 2.17 -40.37
N GLY B 157 11.46 2.44 -41.59
CA GLY B 157 12.60 3.29 -41.83
C GLY B 157 12.18 4.72 -42.11
N ASN B 158 11.01 4.88 -42.72
CA ASN B 158 10.38 6.19 -42.88
C ASN B 158 9.57 6.60 -41.66
N ALA B 159 9.77 5.91 -40.53
CA ALA B 159 8.94 6.11 -39.36
C ALA B 159 9.03 7.54 -38.84
N LEU B 160 10.23 7.94 -38.43
CA LEU B 160 10.44 9.26 -37.84
C LEU B 160 10.70 10.35 -38.87
N GLU B 161 10.41 10.08 -40.15
CA GLU B 161 10.46 11.13 -41.15
C GLU B 161 9.35 12.15 -40.98
N LYS B 162 8.34 11.86 -40.17
CA LYS B 162 7.08 12.58 -40.22
C LYS B 162 6.92 13.53 -39.05
N LYS B 163 6.27 14.64 -39.35
CA LYS B 163 6.12 15.78 -38.44
C LYS B 163 5.43 15.37 -37.15
N SER B 164 4.15 15.03 -37.26
CA SER B 164 3.38 14.69 -36.08
C SER B 164 3.92 13.44 -35.42
N ASN B 165 4.39 12.48 -36.20
CA ASN B 165 4.80 11.22 -35.62
C ASN B 165 6.16 11.26 -34.95
N TYR B 166 6.95 12.30 -35.21
CA TYR B 166 8.11 12.55 -34.38
C TYR B 166 7.76 13.41 -33.17
N GLU B 167 6.74 14.27 -33.33
CA GLU B 167 6.20 14.95 -32.17
C GLU B 167 5.74 13.93 -31.14
N VAL B 168 5.20 12.81 -31.62
CA VAL B 168 4.83 11.69 -30.76
C VAL B 168 5.99 11.31 -29.86
N LEU B 169 7.13 11.04 -30.47
CA LEU B 169 8.27 10.55 -29.69
C LEU B 169 8.76 11.60 -28.73
N GLU B 170 9.01 12.80 -29.24
CA GLU B 170 9.64 13.79 -28.39
C GLU B 170 8.72 14.25 -27.25
N LYS B 171 7.41 14.06 -27.36
CA LYS B 171 6.50 14.46 -26.28
C LYS B 171 6.05 13.28 -25.42
N ASP B 172 5.36 12.32 -26.03
CA ASP B 172 4.66 11.30 -25.26
C ASP B 172 5.65 10.33 -24.64
N VAL B 173 6.60 9.85 -25.44
CA VAL B 173 7.72 9.11 -24.88
C VAL B 173 8.54 10.02 -23.99
N GLY B 174 9.08 11.08 -24.58
CA GLY B 174 10.03 11.92 -23.88
C GLY B 174 11.36 11.22 -23.91
N LEU B 175 12.38 11.92 -24.38
CA LEU B 175 13.64 11.28 -24.71
C LEU B 175 14.64 11.33 -23.57
N ARG B 176 14.17 11.52 -22.34
CA ARG B 176 15.00 11.32 -21.16
C ARG B 176 15.40 9.87 -20.98
N ARG B 177 14.72 8.95 -21.68
CA ARG B 177 15.04 7.54 -21.55
C ARG B 177 16.50 7.28 -21.88
N PHE B 178 16.93 7.71 -23.08
CA PHE B 178 18.30 7.44 -23.51
C PHE B 178 19.00 8.57 -24.25
N PHE B 179 18.30 9.59 -24.74
CA PHE B 179 19.00 10.77 -25.21
C PHE B 179 19.34 11.65 -24.01
N PRO B 180 20.59 12.14 -23.86
CA PRO B 180 20.95 12.85 -22.62
C PRO B 180 20.74 14.36 -22.59
N LYS B 181 21.06 14.87 -21.40
CA LYS B 181 20.61 16.18 -20.97
C LYS B 181 21.22 17.28 -21.81
N SER B 182 22.55 17.30 -21.88
CA SER B 182 23.29 18.42 -22.43
C SER B 182 22.85 18.75 -23.84
N LEU B 183 22.33 17.77 -24.58
CA LEU B 183 21.59 18.08 -25.79
C LEU B 183 20.19 18.54 -25.45
N LEU B 184 19.41 17.68 -24.79
CA LEU B 184 17.97 17.79 -24.88
C LEU B 184 17.47 19.09 -24.28
N ASP B 185 18.10 19.54 -23.20
CA ASP B 185 17.83 20.86 -22.66
C ASP B 185 18.85 21.87 -23.18
N SER B 186 19.02 21.90 -24.50
CA SER B 186 19.90 22.90 -25.12
C SER B 186 19.45 23.38 -26.49
N VAL B 187 18.30 22.93 -27.01
CA VAL B 187 17.97 23.11 -28.42
C VAL B 187 16.51 23.50 -28.58
N LYS B 188 16.24 24.26 -29.65
CA LYS B 188 14.91 24.70 -30.04
C LYS B 188 14.10 23.53 -30.58
N ALA B 189 12.78 23.72 -30.63
CA ALA B 189 11.87 22.65 -31.02
C ALA B 189 12.07 22.18 -32.46
N LYS B 190 11.78 23.05 -33.42
CA LYS B 190 11.91 22.69 -34.83
C LYS B 190 13.36 22.37 -35.17
N THR B 191 14.30 23.02 -34.48
CA THR B 191 15.72 22.70 -34.62
C THR B 191 15.96 21.24 -34.29
N LEU B 192 15.72 20.83 -33.03
CA LEU B 192 16.03 19.46 -32.63
C LEU B 192 15.26 18.46 -33.45
N ARG B 193 14.05 18.84 -33.90
CA ARG B 193 13.33 18.01 -34.85
C ARG B 193 14.22 17.71 -36.04
N LYS B 194 14.59 18.76 -36.79
CA LYS B 194 15.42 18.58 -37.97
C LYS B 194 16.74 17.88 -37.65
N LEU B 195 17.30 18.17 -36.48
CA LEU B 195 18.59 17.61 -36.11
C LEU B 195 18.52 16.09 -36.03
N ILE B 196 17.64 15.58 -35.16
CA ILE B 196 17.59 14.14 -35.01
C ILE B 196 16.94 13.50 -36.22
N GLN B 197 16.19 14.26 -37.04
CA GLN B 197 15.77 13.74 -38.34
C GLN B 197 17.02 13.33 -39.09
N GLN B 198 17.85 14.32 -39.42
CA GLN B 198 19.03 14.10 -40.23
C GLN B 198 19.95 13.04 -39.61
N THR B 199 19.97 12.95 -38.28
CA THR B 199 20.68 11.85 -37.62
C THR B 199 20.09 10.51 -38.05
N PHE B 200 18.81 10.32 -37.78
CA PHE B 200 18.14 9.05 -37.93
C PHE B 200 18.00 8.62 -39.39
N ARG B 201 18.24 9.52 -40.35
CA ARG B 201 18.01 9.18 -41.76
C ARG B 201 18.83 7.99 -42.21
N GLN B 202 20.01 7.79 -41.63
CA GLN B 202 20.95 6.82 -42.16
C GLN B 202 20.88 5.46 -41.49
N PHE B 203 20.16 5.34 -40.37
CA PHE B 203 20.08 4.10 -39.60
C PHE B 203 18.75 3.39 -39.80
N ALA B 204 18.22 3.43 -41.02
CA ALA B 204 16.83 3.09 -41.24
C ALA B 204 16.54 1.60 -41.11
N ASN B 205 17.56 0.75 -41.08
CA ASN B 205 17.40 -0.63 -41.52
C ASN B 205 17.81 -1.71 -40.53
N LEU B 206 18.76 -1.43 -39.65
CA LEU B 206 19.42 -2.49 -38.91
C LEU B 206 18.46 -3.22 -37.98
N ASN B 207 18.87 -4.42 -37.62
CA ASN B 207 18.11 -5.29 -36.73
C ASN B 207 18.77 -5.27 -35.35
N ARG B 208 18.34 -6.17 -34.48
CA ARG B 208 18.96 -6.30 -33.15
C ARG B 208 20.45 -6.51 -33.26
N GLU B 209 20.84 -7.66 -33.85
CA GLU B 209 22.25 -8.05 -33.97
C GLU B 209 23.08 -6.92 -34.58
N GLU B 210 22.60 -6.36 -35.69
CA GLU B 210 23.44 -5.49 -36.48
C GLU B 210 23.53 -4.10 -35.88
N SER B 211 22.38 -3.56 -35.48
CA SER B 211 22.36 -2.32 -34.71
C SER B 211 23.30 -2.41 -33.52
N ILE B 212 23.31 -3.55 -32.85
CA ILE B 212 24.07 -3.67 -31.62
C ILE B 212 25.57 -3.74 -31.93
N LEU B 213 25.94 -4.44 -32.98
CA LEU B 213 27.34 -4.45 -33.34
C LEU B 213 27.79 -3.08 -33.87
N LYS B 214 26.86 -2.32 -34.45
CA LYS B 214 27.14 -0.94 -34.86
C LYS B 214 27.42 -0.06 -33.65
N PHE B 215 26.60 -0.22 -32.62
CA PHE B 215 26.81 0.43 -31.33
C PHE B 215 28.22 0.18 -30.84
N PHE B 216 28.67 -1.07 -30.91
CA PHE B 216 30.02 -1.35 -30.43
C PHE B 216 31.07 -0.72 -31.34
N GLU B 217 30.82 -0.76 -32.65
CA GLU B 217 31.72 -0.17 -33.62
C GLU B 217 32.00 1.28 -33.28
N ILE B 218 30.95 2.03 -32.93
CA ILE B 218 31.13 3.45 -32.66
C ILE B 218 31.49 3.71 -31.20
N LEU B 219 31.23 2.74 -30.32
CA LEU B 219 31.39 2.97 -28.88
C LEU B 219 32.76 2.61 -28.36
N SER B 220 33.51 1.77 -29.09
CA SER B 220 34.85 1.37 -28.64
C SER B 220 35.75 2.53 -28.25
N PRO B 221 35.89 3.61 -29.03
CA PRO B 221 36.90 4.62 -28.65
C PRO B 221 36.53 5.43 -27.42
N VAL B 222 35.29 5.92 -27.34
CA VAL B 222 34.91 6.80 -26.24
C VAL B 222 35.00 6.09 -24.89
N TYR B 223 34.89 4.77 -24.89
CA TYR B 223 35.17 4.01 -23.68
C TYR B 223 35.55 2.60 -24.05
N ARG B 224 36.53 2.07 -23.33
CA ARG B 224 37.01 0.71 -23.55
C ARG B 224 36.24 -0.24 -22.65
N PHE B 225 34.98 -0.41 -23.05
CA PHE B 225 34.06 -1.34 -22.40
C PHE B 225 34.60 -2.75 -22.32
N ASP B 226 35.51 -3.13 -23.21
CA ASP B 226 36.15 -4.43 -23.09
C ASP B 226 36.88 -4.58 -21.77
N LYS B 227 37.35 -3.46 -21.20
CA LYS B 227 38.08 -3.46 -19.95
C LYS B 227 37.49 -2.48 -18.95
N GLU B 228 38.15 -2.34 -17.81
CA GLU B 228 37.83 -1.31 -16.84
C GLU B 228 39.13 -0.85 -16.21
N CYS B 229 39.44 0.44 -16.35
CA CYS B 229 40.75 0.96 -15.98
C CYS B 229 40.86 1.14 -14.47
N PHE B 230 41.97 0.65 -13.92
CA PHE B 230 42.26 0.75 -12.49
C PHE B 230 43.58 1.47 -12.29
N LYS B 231 43.75 2.01 -11.08
CA LYS B 231 44.98 2.67 -10.67
C LYS B 231 45.52 1.98 -9.44
N CYS B 232 46.83 1.99 -9.29
CA CYS B 232 47.53 1.05 -8.43
C CYS B 232 48.99 1.49 -8.39
N ALA B 233 49.85 0.67 -7.79
CA ALA B 233 51.28 0.91 -7.84
C ALA B 233 52.03 -0.41 -7.91
N LEU B 234 53.04 -0.41 -8.79
CA LEU B 234 53.71 -1.63 -9.22
C LEU B 234 55.19 -1.55 -8.92
N GLY B 235 55.77 -2.69 -8.59
CA GLY B 235 57.17 -2.80 -8.26
C GLY B 235 57.35 -3.77 -7.12
N SER B 236 58.59 -4.23 -6.96
CA SER B 236 58.92 -5.13 -5.86
C SER B 236 59.29 -4.37 -4.61
N SER B 237 60.34 -3.53 -4.65
CA SER B 237 60.71 -2.73 -3.49
C SER B 237 61.18 -1.31 -3.82
N TRP B 238 61.32 -0.94 -5.10
CA TRP B 238 61.03 0.43 -5.54
C TRP B 238 59.72 0.31 -6.30
N ILE B 239 58.72 1.11 -5.95
CA ILE B 239 57.34 0.92 -6.42
C ILE B 239 56.78 2.25 -6.90
N ILE B 240 55.89 2.18 -7.88
CA ILE B 240 55.48 3.32 -8.67
C ILE B 240 53.99 3.23 -9.00
N SER B 241 53.31 4.37 -8.99
CA SER B 241 51.86 4.44 -8.95
C SER B 241 51.24 4.79 -10.29
N VAL B 242 50.70 3.77 -10.97
CA VAL B 242 50.30 3.85 -12.37
C VAL B 242 48.79 3.75 -12.49
N GLU B 243 48.30 3.86 -13.73
CA GLU B 243 47.01 3.35 -14.15
C GLU B 243 47.20 1.94 -14.70
N LEU B 244 46.10 1.18 -14.69
CA LEU B 244 46.12 -0.24 -15.03
C LEU B 244 44.96 -0.56 -15.95
N ALA B 245 45.18 -1.55 -16.82
CA ALA B 245 44.20 -1.97 -17.81
C ALA B 245 44.20 -3.48 -17.93
N ILE B 246 43.02 -4.07 -17.83
CA ILE B 246 42.85 -5.52 -17.95
C ILE B 246 41.64 -5.76 -18.83
N GLY B 247 41.86 -6.37 -19.97
CA GLY B 247 40.78 -6.66 -20.88
C GLY B 247 41.11 -7.76 -21.86
N PRO B 248 40.11 -8.20 -22.62
CA PRO B 248 40.35 -9.24 -23.62
C PRO B 248 41.19 -8.77 -24.78
N GLU B 249 41.04 -7.51 -25.19
CA GLU B 249 41.79 -6.97 -26.31
C GLU B 249 43.30 -7.08 -26.09
N GLU B 250 43.74 -7.09 -24.84
CA GLU B 250 45.14 -7.19 -24.50
C GLU B 250 45.49 -8.44 -23.70
N GLY B 251 44.50 -9.15 -23.16
CA GLY B 251 44.80 -10.07 -22.09
C GLY B 251 45.14 -9.27 -20.87
N ILE B 252 46.44 -9.20 -20.51
CA ILE B 252 46.91 -8.29 -19.47
C ILE B 252 48.09 -7.49 -20.03
N SER B 253 47.93 -6.17 -20.04
CA SER B 253 48.98 -5.22 -20.39
C SER B 253 48.85 -4.08 -19.41
N TYR B 254 49.83 -3.17 -19.38
CA TYR B 254 49.69 -1.99 -18.55
C TYR B 254 50.66 -0.91 -19.00
N LEU B 255 50.42 0.30 -18.49
CA LEU B 255 50.80 1.53 -19.16
C LEU B 255 52.12 2.12 -18.66
N THR B 256 52.64 3.06 -19.44
CA THR B 256 53.70 3.98 -19.03
C THR B 256 53.26 5.43 -19.06
N ASP B 257 52.19 5.72 -19.78
CA ASP B 257 51.52 7.00 -19.75
C ASP B 257 50.04 6.71 -19.69
N LYS B 258 49.28 7.63 -19.10
CA LYS B 258 47.83 7.55 -19.17
C LYS B 258 47.37 7.46 -20.62
N GLY B 259 48.07 8.14 -21.53
CA GLY B 259 47.84 8.07 -22.94
C GLY B 259 48.68 7.06 -23.69
N ALA B 260 49.37 6.16 -23.00
CA ALA B 260 50.25 5.23 -23.67
C ALA B 260 49.48 4.09 -24.31
N ASN B 261 50.03 3.58 -25.40
CA ASN B 261 49.68 2.26 -25.86
C ASN B 261 50.22 1.25 -24.86
N PRO B 262 49.38 0.47 -24.17
CA PRO B 262 49.91 -0.35 -23.08
C PRO B 262 50.90 -1.39 -23.56
N THR B 263 51.80 -1.72 -22.66
CA THR B 263 52.95 -2.56 -22.97
C THR B 263 52.59 -3.97 -22.57
N HIS B 264 52.32 -4.80 -23.55
CA HIS B 264 51.86 -6.14 -23.27
C HIS B 264 53.00 -6.99 -22.74
N LEU B 265 52.68 -7.87 -21.82
CA LEU B 265 53.62 -8.85 -21.34
C LEU B 265 53.06 -10.27 -21.29
N ALA B 266 51.79 -10.44 -20.95
CA ALA B 266 51.20 -11.77 -21.02
C ALA B 266 49.68 -11.71 -20.94
N ASP B 267 49.03 -12.74 -21.48
CA ASP B 267 47.57 -12.83 -21.51
C ASP B 267 47.07 -13.59 -20.29
N PHE B 268 45.74 -13.70 -20.22
CA PHE B 268 45.11 -14.60 -19.25
C PHE B 268 45.48 -16.05 -19.50
N ASN B 269 45.82 -16.40 -20.74
CA ASN B 269 46.01 -17.81 -21.06
C ASN B 269 47.23 -18.38 -20.35
N GLN B 270 48.26 -17.56 -20.11
CA GLN B 270 49.44 -18.04 -19.42
C GLN B 270 49.23 -18.17 -17.92
N VAL B 271 48.08 -17.82 -17.38
CA VAL B 271 47.94 -17.77 -15.93
C VAL B 271 48.00 -19.18 -15.37
N GLN B 272 48.67 -19.31 -14.22
CA GLN B 272 48.63 -20.52 -13.42
C GLN B 272 47.58 -20.46 -12.32
N THR B 273 47.75 -19.54 -11.37
CA THR B 273 46.91 -19.44 -10.20
C THR B 273 46.79 -17.97 -9.80
N ILE B 274 45.99 -17.72 -8.76
CA ILE B 274 45.62 -16.36 -8.35
C ILE B 274 45.70 -16.27 -6.84
N GLN B 275 46.01 -15.07 -6.34
CA GLN B 275 45.86 -14.77 -4.92
C GLN B 275 45.72 -13.25 -4.75
N TYR B 276 44.86 -12.88 -3.80
CA TYR B 276 44.71 -11.50 -3.34
C TYR B 276 44.99 -11.47 -1.85
N SER B 277 45.45 -10.32 -1.36
CA SER B 277 45.67 -10.16 0.07
C SER B 277 45.82 -8.68 0.37
N ASN B 278 45.67 -8.35 1.65
CA ASN B 278 45.67 -6.96 2.09
C ASN B 278 47.01 -6.29 1.83
N SER B 279 46.95 -4.99 1.58
CA SER B 279 48.10 -4.16 1.83
C SER B 279 48.51 -4.34 3.28
N GLU B 280 49.80 -4.48 3.52
CA GLU B 280 50.31 -4.97 4.79
C GLU B 280 50.29 -3.91 5.90
N ASP B 281 49.61 -2.78 5.71
CA ASP B 281 49.53 -1.74 6.72
C ASP B 281 48.08 -1.33 6.94
N LYS B 282 47.86 -0.32 7.77
CA LYS B 282 46.50 0.10 8.14
C LYS B 282 45.74 0.74 6.98
N ASP B 283 46.40 1.01 5.86
CA ASP B 283 45.70 1.50 4.68
C ASP B 283 44.61 0.53 4.26
N ARG B 284 43.53 1.08 3.71
CA ARG B 284 42.37 0.28 3.31
C ARG B 284 42.61 -0.35 1.93
N LYS B 285 43.77 -0.96 1.73
CA LYS B 285 44.27 -1.28 0.41
C LYS B 285 44.61 -2.76 0.32
N GLY B 286 44.76 -3.22 -0.91
CA GLY B 286 44.93 -4.63 -1.18
C GLY B 286 46.10 -4.89 -2.11
N MET B 287 46.84 -5.95 -1.80
CA MET B 287 47.89 -6.43 -2.69
C MET B 287 47.28 -7.26 -3.82
N LEU B 288 48.10 -7.51 -4.83
CA LEU B 288 47.66 -8.32 -5.97
C LEU B 288 48.90 -8.89 -6.64
N GLN B 289 49.12 -10.19 -6.47
CA GLN B 289 50.27 -10.91 -7.00
C GLN B 289 49.81 -11.93 -8.04
N LEU B 290 50.66 -12.18 -9.03
CA LEU B 290 50.21 -12.84 -10.27
C LEU B 290 51.26 -13.80 -10.83
N LYS B 291 51.16 -15.07 -10.44
CA LYS B 291 52.03 -16.11 -10.95
C LYS B 291 51.50 -16.67 -12.26
N ILE B 292 52.40 -16.88 -13.22
CA ILE B 292 52.06 -17.09 -14.62
C ILE B 292 52.85 -18.27 -15.16
N ALA B 293 52.34 -18.86 -16.25
CA ALA B 293 52.88 -20.08 -16.84
C ALA B 293 54.35 -19.95 -17.17
N GLY B 294 55.15 -20.89 -16.66
CA GLY B 294 56.58 -20.88 -16.90
C GLY B 294 57.28 -19.62 -16.44
N ALA B 295 56.65 -18.87 -15.55
CA ALA B 295 57.21 -17.61 -15.08
C ALA B 295 57.88 -17.86 -13.74
N PRO B 296 59.16 -17.48 -13.54
CA PRO B 296 59.64 -17.31 -12.16
C PRO B 296 59.12 -16.03 -11.51
N GLU B 297 58.37 -15.23 -12.27
CA GLU B 297 58.03 -13.86 -11.94
C GLU B 297 56.54 -13.67 -11.61
N PRO B 298 56.20 -12.97 -10.50
CA PRO B 298 54.84 -12.46 -10.30
C PRO B 298 54.55 -11.02 -10.73
N LEU B 299 53.42 -10.75 -11.41
CA LEU B 299 53.05 -9.37 -11.79
C LEU B 299 52.33 -8.75 -10.59
N THR B 300 53.14 -8.17 -9.71
CA THR B 300 52.65 -7.64 -8.47
C THR B 300 52.03 -6.27 -8.68
N VAL B 301 50.86 -6.07 -8.06
CA VAL B 301 50.13 -4.83 -8.11
C VAL B 301 49.57 -4.58 -6.72
N THR B 302 49.48 -3.31 -6.35
CA THR B 302 48.79 -2.90 -5.14
C THR B 302 47.96 -1.67 -5.47
N ALA B 303 46.70 -1.72 -5.05
CA ALA B 303 45.71 -0.76 -5.51
C ALA B 303 44.83 -0.34 -4.33
N PRO B 304 43.90 0.62 -4.51
CA PRO B 304 43.24 1.22 -3.35
C PRO B 304 42.39 0.31 -2.47
N SER B 305 42.25 -0.99 -2.75
CA SER B 305 41.31 -1.77 -1.95
C SER B 305 41.54 -3.27 -2.10
N LEU B 306 41.47 -3.97 -0.96
CA LEU B 306 41.30 -5.42 -0.98
C LEU B 306 40.01 -5.80 -1.68
N THR B 307 38.99 -4.97 -1.56
CA THR B 307 37.75 -5.12 -2.30
C THR B 307 38.04 -5.42 -3.77
N ILE B 308 38.69 -4.47 -4.43
CA ILE B 308 38.97 -4.64 -5.84
C ILE B 308 40.10 -5.64 -6.04
N ALA B 309 40.92 -5.92 -5.01
CA ALA B 309 41.92 -6.96 -5.14
C ALA B 309 41.27 -8.32 -5.33
N GLU B 310 40.36 -8.67 -4.44
CA GLU B 310 39.59 -9.90 -4.57
C GLU B 310 38.79 -9.92 -5.86
N ASN B 311 38.21 -8.76 -6.23
CA ASN B 311 37.47 -8.74 -7.49
C ASN B 311 38.37 -9.01 -8.67
N MET B 312 39.59 -8.48 -8.67
CA MET B 312 40.50 -8.71 -9.79
C MET B 312 41.01 -10.13 -9.81
N ALA B 313 41.15 -10.74 -8.62
CA ALA B 313 41.38 -12.17 -8.57
C ALA B 313 40.29 -12.91 -9.32
N ASP B 314 39.04 -12.51 -9.09
CA ASP B 314 37.93 -13.12 -9.84
C ASP B 314 38.04 -12.81 -11.33
N LEU B 315 38.52 -11.61 -11.67
CA LEU B 315 38.74 -11.24 -13.07
C LEU B 315 39.60 -12.30 -13.76
N ILE B 316 40.77 -12.57 -13.21
CA ILE B 316 41.67 -13.47 -13.89
C ILE B 316 41.12 -14.88 -13.85
N ASP B 317 40.48 -15.23 -12.72
CA ASP B 317 39.97 -16.57 -12.56
C ASP B 317 38.92 -16.87 -13.62
N GLY B 318 38.10 -15.88 -13.95
CA GLY B 318 37.03 -16.10 -14.91
C GLY B 318 37.41 -15.98 -16.36
N TYR B 319 38.44 -15.19 -16.69
CA TYR B 319 38.92 -15.31 -18.06
C TYR B 319 39.60 -16.65 -18.27
N CYS B 320 40.30 -17.15 -17.24
CA CYS B 320 40.82 -18.52 -17.30
C CYS B 320 39.69 -19.49 -17.59
N ARG B 321 38.63 -19.43 -16.78
CA ARG B 321 37.45 -20.26 -17.02
C ARG B 321 36.94 -20.12 -18.45
N LEU B 322 36.74 -18.89 -18.91
CA LEU B 322 36.12 -18.63 -20.19
C LEU B 322 36.93 -19.13 -21.36
N VAL B 323 38.08 -18.50 -21.60
CA VAL B 323 38.84 -18.72 -22.81
C VAL B 323 39.91 -19.78 -22.60
N ASN B 324 39.78 -20.59 -21.53
CA ASN B 324 40.27 -21.95 -21.54
C ASN B 324 39.08 -22.87 -21.27
N GLY B 325 39.35 -24.16 -21.21
CA GLY B 325 38.33 -25.12 -20.87
C GLY B 325 38.03 -25.22 -19.40
N ALA B 326 38.55 -24.32 -18.58
CA ALA B 326 38.34 -24.38 -17.15
C ALA B 326 36.95 -23.87 -16.80
N THR B 327 36.45 -24.33 -15.65
CA THR B 327 35.30 -23.74 -15.00
C THR B 327 35.51 -23.71 -13.50
N GLN B 328 36.78 -23.66 -13.07
CA GLN B 328 37.16 -23.90 -11.69
C GLN B 328 37.88 -22.68 -11.13
N SER B 329 37.97 -22.66 -9.80
CA SER B 329 38.54 -21.53 -9.09
C SER B 329 40.06 -21.68 -9.01
N PHE B 330 40.77 -20.92 -9.83
CA PHE B 330 42.22 -20.81 -9.73
C PHE B 330 42.65 -19.82 -8.66
N ILE B 331 41.72 -19.32 -7.84
CA ILE B 331 42.07 -18.47 -6.72
C ILE B 331 42.41 -19.36 -5.54
N ILE B 332 43.55 -19.10 -4.92
CA ILE B 332 44.07 -19.91 -3.82
C ILE B 332 43.57 -19.28 -2.52
N ARG B 333 42.50 -19.86 -1.97
CA ARG B 333 42.06 -19.47 -0.65
C ARG B 333 43.11 -19.89 0.38
N PRO B 334 43.09 -19.27 1.56
CA PRO B 334 44.05 -19.70 2.58
C PRO B 334 43.72 -21.09 3.10
N ASP B 367 20.02 -30.59 -1.24
CA ASP B 367 21.25 -29.87 -0.81
C ASP B 367 21.00 -28.36 -0.90
N ASP B 368 20.74 -27.86 -2.12
CA ASP B 368 20.48 -26.41 -2.33
C ASP B 368 19.76 -26.23 -3.68
N TYR B 369 18.54 -25.69 -3.64
CA TYR B 369 17.74 -25.48 -4.88
C TYR B 369 17.12 -24.08 -4.84
N ALA B 370 16.92 -23.47 -6.01
CA ALA B 370 16.33 -22.12 -6.12
C ALA B 370 15.24 -22.13 -7.20
N GLU B 371 14.33 -21.15 -7.16
CA GLU B 371 13.22 -21.06 -8.15
C GLU B 371 12.86 -19.59 -8.38
N ILE B 372 13.05 -19.09 -9.60
CA ILE B 372 12.74 -17.66 -9.94
C ILE B 372 11.23 -17.45 -9.74
N ILE B 373 10.87 -16.53 -8.83
CA ILE B 373 9.43 -16.23 -8.55
C ILE B 373 8.93 -15.20 -9.57
N ASP B 374 7.72 -15.43 -10.11
CA ASP B 374 7.11 -14.52 -11.11
C ASP B 374 6.64 -13.24 -10.40
N GLU B 375 5.57 -13.34 -9.61
CA GLU B 375 5.01 -12.18 -8.87
C GLU B 375 4.59 -12.64 -7.47
N GLU B 376 3.65 -13.59 -7.38
CA GLU B 376 3.15 -14.13 -6.10
C GLU B 376 2.74 -12.97 -5.18
N ASP B 377 3.64 -12.52 -4.30
CA ASP B 377 3.36 -11.39 -3.38
C ASP B 377 4.58 -10.47 -3.33
N THR B 378 5.67 -10.84 -4.02
CA THR B 378 6.90 -10.03 -4.05
C THR B 378 7.33 -9.68 -2.61
N TYR B 379 7.47 -10.69 -1.76
CA TYR B 379 7.87 -10.49 -0.34
C TYR B 379 9.37 -10.79 -0.19
N THR B 380 10.14 -9.79 0.28
CA THR B 380 9.57 -8.50 0.77
C THR B 380 10.61 -7.38 0.62
N MET B 381 10.31 -6.37 -0.21
CA MET B 381 11.21 -5.21 -0.45
C MET B 381 11.14 -4.21 0.71
N PRO B 382 12.17 -3.34 0.90
CA PRO B 382 12.17 -2.34 1.97
C PRO B 382 11.66 -0.97 1.49
N SER B 383 12.29 0.13 1.95
CA SER B 383 11.87 1.50 1.53
C SER B 383 12.77 1.98 0.39
N THR B 384 12.35 3.06 -0.30
CA THR B 384 13.13 3.63 -1.43
C THR B 384 13.89 4.87 -0.94
N ARG B 385 14.80 5.39 -1.76
CA ARG B 385 15.60 6.59 -1.42
C ARG B 385 16.07 7.28 -2.70
N ASP B 386 15.64 6.76 -3.86
CA ASP B 386 16.02 7.34 -5.18
C ASP B 386 15.62 8.82 -5.21
N TYR B 387 16.54 9.69 -5.63
CA TYR B 387 16.26 11.14 -5.72
C TYR B 387 15.70 11.48 -7.11
N GLU B 388 16.38 11.00 -8.16
CA GLU B 388 15.95 11.24 -9.57
C GLU B 388 14.52 10.70 -9.75
N ILE B 389 13.65 11.44 -10.44
CA ILE B 389 12.27 11.01 -10.63
C ILE B 389 12.03 10.65 -12.10
N GLN B 390 11.23 9.59 -12.34
CA GLN B 390 10.67 9.18 -13.66
C GLN B 390 9.30 9.87 -13.84
N ARG B 391 8.95 10.27 -15.06
CA ARG B 391 7.69 11.03 -15.30
C ARG B 391 6.60 10.20 -15.99
N GLU B 392 6.69 8.86 -15.97
CA GLU B 392 5.66 8.07 -16.62
C GLU B 392 4.56 7.60 -15.67
N ARG B 393 4.90 7.20 -14.45
CA ARG B 393 3.97 6.51 -13.56
C ARG B 393 3.04 7.47 -12.80
N ILE B 394 2.88 8.70 -13.25
CA ILE B 394 2.27 9.76 -12.47
C ILE B 394 0.85 10.01 -12.94
N GLU B 395 -0.02 10.25 -11.97
CA GLU B 395 -1.29 10.88 -12.24
C GLU B 395 -1.12 12.38 -12.21
N LEU B 396 -1.57 13.04 -13.28
CA LEU B 396 -1.67 14.49 -13.26
C LEU B 396 -2.89 14.91 -12.45
N GLY B 397 -2.68 15.79 -11.47
CA GLY B 397 -3.69 16.22 -10.54
C GLY B 397 -4.21 17.60 -10.86
N ARG B 398 -4.79 18.25 -9.85
CA ARG B 398 -5.27 19.61 -9.97
C ARG B 398 -5.11 20.29 -8.62
N CYS B 399 -5.55 21.56 -8.56
CA CYS B 399 -5.45 22.44 -7.36
C CYS B 399 -5.76 21.74 -6.04
N ILE B 400 -4.78 21.69 -5.13
CA ILE B 400 -4.91 21.13 -3.76
C ILE B 400 -4.48 22.25 -2.80
N GLY B 401 -3.39 22.94 -3.16
CA GLY B 401 -2.88 24.06 -2.35
C GLY B 401 -1.99 24.97 -3.17
N GLU B 402 -1.76 26.21 -2.70
CA GLU B 402 -0.89 27.18 -3.43
C GLU B 402 0.31 27.54 -2.55
N GLY B 403 1.52 27.45 -3.09
CA GLY B 403 2.71 27.77 -2.32
C GLY B 403 3.31 29.06 -2.82
N GLN B 404 4.45 29.46 -2.23
CA GLN B 404 5.14 30.68 -2.63
C GLN B 404 5.68 30.63 -4.05
N PHE B 405 6.02 29.43 -4.51
CA PHE B 405 6.63 29.23 -5.83
C PHE B 405 5.63 28.82 -6.93
N GLY B 406 4.42 28.46 -6.52
CA GLY B 406 3.40 28.01 -7.48
C GLY B 406 2.29 27.15 -6.89
N ASP B 407 1.45 26.62 -7.76
CA ASP B 407 0.36 25.71 -7.39
C ASP B 407 0.87 24.39 -6.85
N VAL B 408 -0.01 23.71 -6.09
CA VAL B 408 0.24 22.36 -5.47
C VAL B 408 -0.68 21.34 -6.17
N HIS B 409 -0.30 20.05 -6.27
CA HIS B 409 -1.08 18.97 -6.99
C HIS B 409 -1.19 17.62 -6.26
N GLN B 410 -2.13 16.75 -6.70
CA GLN B 410 -2.46 15.37 -6.18
C GLN B 410 -2.31 14.32 -7.29
N GLY B 411 -1.49 13.30 -7.05
CA GLY B 411 -1.16 12.22 -8.02
C GLY B 411 -0.68 10.97 -7.31
N ILE B 412 -0.55 9.87 -8.07
CA ILE B 412 -0.13 8.54 -7.55
C ILE B 412 1.12 8.05 -8.31
N TYR B 413 2.09 7.50 -7.58
CA TYR B 413 3.35 6.91 -8.10
C TYR B 413 3.18 5.39 -8.14
N MET B 414 3.88 4.72 -9.07
CA MET B 414 3.80 3.25 -9.28
C MET B 414 5.19 2.62 -9.09
N SER B 415 5.26 1.53 -8.31
CA SER B 415 6.54 0.82 -8.04
C SER B 415 6.28 -0.68 -7.91
N PRO B 416 7.10 -1.44 -7.15
CA PRO B 416 6.92 -2.88 -6.98
C PRO B 416 5.77 -3.21 -6.02
N GLU B 417 6.09 -3.43 -4.74
CA GLU B 417 5.07 -3.76 -3.72
C GLU B 417 4.42 -2.47 -3.21
N ASN B 418 3.15 -2.54 -2.79
CA ASN B 418 2.41 -1.36 -2.29
C ASN B 418 2.53 -0.23 -3.33
N PRO B 419 2.19 -0.50 -4.62
CA PRO B 419 2.30 0.52 -5.67
C PRO B 419 1.09 1.46 -5.77
N ALA B 420 1.08 2.28 -6.82
CA ALA B 420 0.02 3.25 -7.09
C ALA B 420 -0.30 4.06 -5.83
N MET B 421 0.77 4.43 -5.11
CA MET B 421 0.65 5.19 -3.84
C MET B 421 0.07 6.59 -4.09
N ALA B 422 -0.89 7.01 -3.26
CA ALA B 422 -1.52 8.31 -3.37
C ALA B 422 -0.54 9.36 -2.89
N VAL B 423 -0.11 10.23 -3.81
CA VAL B 423 1.01 11.13 -3.57
C VAL B 423 0.69 12.49 -4.19
N ALA B 424 1.58 13.47 -3.94
CA ALA B 424 1.28 14.86 -4.28
C ALA B 424 2.52 15.60 -4.74
N ILE B 425 2.33 16.75 -5.39
CA ILE B 425 3.46 17.55 -5.95
C ILE B 425 3.16 19.06 -5.88
N LYS B 426 4.23 19.86 -5.76
CA LYS B 426 4.19 21.34 -5.72
C LYS B 426 5.06 21.86 -6.87
N THR B 427 4.58 22.85 -7.63
CA THR B 427 5.35 23.37 -8.80
C THR B 427 5.53 24.89 -8.71
N CYS B 428 6.54 25.41 -9.43
CA CYS B 428 6.86 26.88 -9.44
C CYS B 428 6.37 27.48 -10.76
N LYS B 429 5.60 28.57 -10.66
CA LYS B 429 5.01 29.28 -11.83
C LYS B 429 6.08 29.87 -12.76
N ASN B 430 7.14 30.47 -12.21
CA ASN B 430 8.21 31.14 -12.99
C ASN B 430 9.51 30.31 -12.96
N CYS B 431 10.08 29.97 -14.13
CA CYS B 431 11.34 29.18 -14.27
C CYS B 431 12.46 30.05 -14.85
N THR B 432 12.25 31.38 -14.92
CA THR B 432 13.21 32.37 -15.47
C THR B 432 14.22 32.80 -14.42
N SER B 433 13.99 32.49 -13.13
CA SER B 433 14.89 32.82 -12.01
C SER B 433 15.48 31.51 -11.45
N ASP B 434 16.80 31.31 -11.51
CA ASP B 434 17.48 30.09 -11.00
C ASP B 434 17.51 30.13 -9.47
N SER B 435 17.39 31.33 -8.89
CA SER B 435 17.46 31.52 -7.44
C SER B 435 16.32 30.79 -6.74
N VAL B 436 15.09 31.06 -7.18
CA VAL B 436 13.96 30.36 -6.63
C VAL B 436 14.04 28.89 -6.97
N ARG B 437 14.64 28.56 -8.12
CA ARG B 437 14.90 27.16 -8.42
C ARG B 437 15.74 26.53 -7.33
N GLU B 438 16.82 27.20 -6.95
CA GLU B 438 17.74 26.62 -5.98
C GLU B 438 17.11 26.51 -4.60
N LYS B 439 16.25 27.46 -4.24
CA LYS B 439 15.55 27.36 -2.97
C LYS B 439 14.54 26.21 -3.00
N PHE B 440 13.83 26.11 -4.11
CA PHE B 440 12.90 25.03 -4.37
C PHE B 440 13.61 23.68 -4.31
N LEU B 441 14.88 23.65 -4.74
CA LEU B 441 15.70 22.45 -4.58
C LEU B 441 16.08 22.24 -3.13
N GLN B 442 16.45 23.34 -2.47
CA GLN B 442 16.94 23.30 -1.12
C GLN B 442 15.91 22.69 -0.19
N GLU B 443 14.62 22.92 -0.50
CA GLU B 443 13.54 22.21 0.17
C GLU B 443 13.86 20.74 0.31
N ALA B 444 13.96 20.06 -0.81
CA ALA B 444 14.10 18.61 -0.80
C ALA B 444 15.45 18.20 -0.27
N LEU B 445 16.49 18.93 -0.68
CA LEU B 445 17.83 18.55 -0.29
C LEU B 445 18.02 18.67 1.20
N THR B 446 17.20 19.49 1.86
CA THR B 446 17.15 19.52 3.30
C THR B 446 16.25 18.42 3.83
N MET B 447 15.06 18.30 3.24
CA MET B 447 14.01 17.48 3.82
C MET B 447 14.26 15.99 3.63
N ARG B 448 15.35 15.62 2.95
CA ARG B 448 15.71 14.23 2.78
C ARG B 448 15.77 13.47 4.11
N GLN B 449 16.61 13.93 5.03
CA GLN B 449 17.19 13.05 6.03
C GLN B 449 16.30 12.76 7.23
N PHE B 450 15.06 13.22 7.26
CA PHE B 450 14.24 13.01 8.44
C PHE B 450 13.88 11.53 8.61
N ASP B 451 13.43 11.18 9.83
CA ASP B 451 12.96 9.83 10.13
C ASP B 451 12.06 9.90 11.36
N HIS B 452 10.75 9.75 11.18
CA HIS B 452 9.80 9.72 12.27
C HIS B 452 8.43 9.35 11.70
N PRO B 453 7.54 8.77 12.52
CA PRO B 453 6.18 8.48 12.03
C PRO B 453 5.30 9.69 11.78
N HIS B 454 5.79 10.91 11.95
CA HIS B 454 4.97 12.10 11.88
C HIS B 454 5.72 13.23 11.18
N ILE B 455 6.66 12.85 10.30
CA ILE B 455 7.35 13.77 9.42
C ILE B 455 7.14 13.27 8.00
N VAL B 456 6.82 14.19 7.09
CA VAL B 456 6.09 13.83 5.88
C VAL B 456 7.04 13.28 4.82
N LYS B 457 6.50 12.39 3.97
CA LYS B 457 7.29 11.49 3.14
C LYS B 457 7.51 12.10 1.76
N LEU B 458 8.55 12.90 1.66
CA LEU B 458 9.16 13.21 0.38
C LEU B 458 10.09 12.08 -0.02
N ILE B 459 10.28 11.89 -1.34
CA ILE B 459 11.19 10.87 -1.82
C ILE B 459 12.17 11.44 -2.84
N GLY B 460 11.67 12.11 -3.87
CA GLY B 460 12.41 12.28 -5.11
C GLY B 460 12.71 13.73 -5.46
N VAL B 461 13.41 13.88 -6.59
CA VAL B 461 13.83 15.17 -7.12
C VAL B 461 13.65 15.20 -8.63
N ILE B 462 13.07 16.30 -9.14
CA ILE B 462 12.94 16.54 -10.57
C ILE B 462 13.96 17.61 -10.96
N THR B 463 14.36 17.62 -12.24
CA THR B 463 15.40 18.52 -12.74
C THR B 463 15.05 19.11 -14.10
N GLU B 464 13.81 19.55 -14.31
CA GLU B 464 13.50 20.41 -15.44
C GLU B 464 12.20 21.16 -15.22
N ASN B 465 12.05 22.26 -15.93
CA ASN B 465 10.90 23.13 -15.76
C ASN B 465 9.62 22.43 -16.23
N PRO B 466 8.49 22.56 -15.51
CA PRO B 466 8.33 23.05 -14.14
C PRO B 466 8.67 21.92 -13.18
N VAL B 467 9.75 22.09 -12.42
CA VAL B 467 10.18 21.08 -11.49
C VAL B 467 9.10 20.89 -10.44
N TRP B 468 8.79 19.64 -10.14
CA TRP B 468 7.71 19.26 -9.24
C TRP B 468 8.29 18.36 -8.14
N ILE B 469 7.43 17.83 -7.28
CA ILE B 469 7.82 17.35 -5.95
C ILE B 469 7.03 16.08 -5.62
N ILE B 470 7.63 15.22 -4.78
CA ILE B 470 6.92 14.09 -4.19
C ILE B 470 6.31 14.54 -2.88
N MET B 471 5.02 14.29 -2.71
CA MET B 471 4.33 14.69 -1.46
C MET B 471 3.56 13.48 -0.92
N GLU B 472 3.67 13.18 0.38
CA GLU B 472 2.82 12.14 0.99
C GLU B 472 1.54 12.94 1.20
N LEU B 473 0.55 12.76 0.34
CA LEU B 473 -0.62 13.67 0.41
C LEU B 473 -1.28 13.64 1.79
N CYS B 474 -1.53 14.84 2.34
CA CYS B 474 -2.35 14.94 3.56
C CYS B 474 -3.77 15.04 3.00
N THR B 475 -4.54 13.95 3.04
CA THR B 475 -5.89 13.90 2.40
C THR B 475 -6.83 14.95 3.02
N LEU B 476 -6.79 15.10 4.34
CA LEU B 476 -7.65 16.05 5.11
C LEU B 476 -7.34 17.50 4.72
N GLY B 477 -6.07 17.87 4.58
CA GLY B 477 -5.72 19.25 4.22
C GLY B 477 -5.47 20.15 5.42
N GLU B 478 -5.49 21.47 5.21
CA GLU B 478 -5.22 22.52 6.21
C GLU B 478 -6.18 22.39 7.41
N LEU B 479 -5.70 22.62 8.63
CA LEU B 479 -6.48 22.49 9.89
C LEU B 479 -7.15 23.82 10.27
N ARG B 480 -6.85 24.94 9.60
CA ARG B 480 -7.53 26.22 9.91
C ARG B 480 -8.99 26.16 9.42
N SER B 481 -9.18 25.71 8.18
CA SER B 481 -10.49 25.63 7.47
C SER B 481 -11.41 24.57 8.09
N PHE B 482 -10.88 23.36 8.36
CA PHE B 482 -11.67 22.23 8.93
C PHE B 482 -12.19 22.65 10.31
N LEU B 483 -11.32 23.25 11.12
CA LEU B 483 -11.63 23.71 12.50
C LEU B 483 -12.69 24.80 12.41
N GLN B 484 -12.55 25.69 11.41
CA GLN B 484 -13.49 26.81 11.17
C GLN B 484 -14.89 26.31 10.78
N VAL B 485 -14.98 25.34 9.85
CA VAL B 485 -16.28 24.84 9.30
C VAL B 485 -16.72 23.50 9.91
N ARG B 486 -15.91 22.89 10.78
CA ARG B 486 -16.19 21.56 11.41
C ARG B 486 -16.29 21.71 12.93
N LYS B 487 -16.99 22.73 13.41
CA LYS B 487 -17.09 23.10 14.85
C LYS B 487 -17.71 21.96 15.67
N PHE B 488 -18.70 21.24 15.12
CA PHE B 488 -19.41 20.12 15.79
C PHE B 488 -18.74 18.77 15.55
N SER B 489 -17.67 18.71 14.75
CA SER B 489 -16.93 17.47 14.39
C SER B 489 -15.63 17.33 15.19
N LEU B 490 -15.41 18.18 16.20
CA LEU B 490 -14.16 18.19 17.02
C LEU B 490 -14.45 17.64 18.41
N ASP B 491 -13.43 17.03 19.05
CA ASP B 491 -13.50 16.43 20.41
C ASP B 491 -12.29 16.90 21.22
N LEU B 492 -12.37 16.85 22.55
CA LEU B 492 -11.29 17.27 23.49
C LEU B 492 -10.04 16.43 23.22
N ALA B 493 -10.22 15.12 22.99
CA ALA B 493 -9.15 14.14 22.72
C ALA B 493 -8.46 14.49 21.38
N SER B 494 -9.25 14.90 20.39
CA SER B 494 -8.77 15.26 19.06
C SER B 494 -7.78 16.41 19.15
N LEU B 495 -8.16 17.48 19.85
CA LEU B 495 -7.26 18.62 19.93
C LEU B 495 -6.01 18.24 20.73
N ILE B 496 -6.17 17.43 21.77
CA ILE B 496 -5.02 17.04 22.57
C ILE B 496 -4.06 16.22 21.73
N LEU B 497 -4.58 15.35 20.88
CA LEU B 497 -3.70 14.47 20.13
C LEU B 497 -3.07 15.20 18.96
N TYR B 498 -3.75 16.22 18.43
CA TYR B 498 -3.09 17.15 17.53
C TYR B 498 -1.82 17.68 18.16
N ALA B 499 -2.00 18.23 19.36
CA ALA B 499 -0.85 18.78 20.08
C ALA B 499 0.17 17.70 20.38
N TYR B 500 -0.27 16.47 20.58
CA TYR B 500 0.65 15.38 20.93
C TYR B 500 1.53 14.99 19.75
N GLN B 501 0.92 14.88 18.57
CA GLN B 501 1.68 14.60 17.37
C GLN B 501 2.70 15.70 17.14
N LEU B 502 2.28 16.97 17.28
CA LEU B 502 3.23 18.05 17.13
C LEU B 502 4.31 17.98 18.19
N SER B 503 3.96 17.49 19.36
CA SER B 503 4.91 17.33 20.45
C SER B 503 6.06 16.46 20.02
N THR B 504 5.73 15.24 19.62
CA THR B 504 6.79 14.30 19.23
C THR B 504 7.53 14.80 18.00
N ALA B 505 6.83 15.51 17.11
CA ALA B 505 7.44 16.02 15.90
C ALA B 505 8.56 16.98 16.22
N LEU B 506 8.22 18.05 16.90
CA LEU B 506 9.20 19.08 17.16
C LEU B 506 10.20 18.63 18.22
N ALA B 507 9.84 17.62 19.02
CA ALA B 507 10.81 16.92 19.84
C ALA B 507 11.89 16.30 18.97
N TYR B 508 11.48 15.66 17.87
CA TYR B 508 12.48 15.07 16.99
C TYR B 508 13.31 16.15 16.28
N LEU B 509 12.70 17.31 15.99
CA LEU B 509 13.50 18.43 15.51
C LEU B 509 14.63 18.72 16.47
N GLU B 510 14.29 18.92 17.74
CA GLU B 510 15.31 19.27 18.73
C GLU B 510 16.34 18.17 18.85
N SER B 511 15.90 16.92 18.64
CA SER B 511 16.86 15.80 18.67
C SER B 511 17.79 15.91 17.45
N LYS B 512 17.34 16.58 16.38
CA LYS B 512 18.14 16.71 15.17
C LYS B 512 18.19 18.14 14.65
N ARG B 513 17.93 19.13 15.52
CA ARG B 513 18.50 20.47 15.40
C ARG B 513 18.09 21.18 14.10
N PHE B 514 16.82 21.55 14.02
CA PHE B 514 16.44 22.61 13.09
C PHE B 514 15.34 23.47 13.67
N VAL B 515 15.39 24.75 13.31
CA VAL B 515 14.45 25.77 13.77
C VAL B 515 13.51 26.07 12.60
N HIS B 516 12.26 25.69 12.75
CA HIS B 516 11.32 25.74 11.65
C HIS B 516 10.94 27.17 11.25
N ARG B 517 10.96 28.09 12.22
CA ARG B 517 10.76 29.53 12.06
C ARG B 517 9.35 30.00 11.80
N ASP B 518 8.44 29.12 11.37
CA ASP B 518 7.11 29.60 10.97
C ASP B 518 6.06 28.51 11.17
N ILE B 519 6.10 27.81 12.30
CA ILE B 519 5.17 26.71 12.52
C ILE B 519 3.76 27.26 12.62
N ALA B 520 2.81 26.61 11.94
CA ALA B 520 1.46 27.13 11.86
C ALA B 520 0.54 26.06 11.30
N ALA B 521 -0.74 26.15 11.67
CA ALA B 521 -1.73 25.21 11.18
C ALA B 521 -1.93 25.34 9.68
N ARG B 522 -1.67 26.54 9.15
CA ARG B 522 -1.71 26.78 7.69
C ARG B 522 -0.68 25.81 7.09
N ASN B 523 0.45 25.62 7.79
CA ASN B 523 1.56 24.70 7.43
C ASN B 523 1.38 23.35 8.13
N VAL B 524 0.29 23.16 8.89
CA VAL B 524 0.01 21.87 9.61
C VAL B 524 -1.00 21.09 8.75
N LEU B 525 -0.76 19.79 8.54
CA LEU B 525 -1.64 19.01 7.64
C LEU B 525 -2.26 17.83 8.39
N VAL B 526 -3.39 17.56 7.63
CA VAL B 526 -4.10 16.45 8.32
C VAL B 526 -4.06 15.20 7.42
N SER B 527 -3.52 14.10 7.96
CA SER B 527 -3.41 12.82 7.27
C SER B 527 -4.69 12.04 7.39
N ALA B 528 -5.19 11.98 8.63
CA ALA B 528 -6.45 11.35 8.94
C ALA B 528 -6.99 11.98 10.20
N THR B 529 -8.19 11.56 10.58
CA THR B 529 -8.89 12.09 11.76
C THR B 529 -8.12 11.99 13.07
N ASP B 530 -7.21 11.03 13.14
CA ASP B 530 -6.42 10.85 14.35
C ASP B 530 -4.93 11.11 14.12
N CYS B 531 -4.59 11.93 13.11
CA CYS B 531 -3.19 12.12 12.71
C CYS B 531 -2.89 13.39 11.95
N VAL B 532 -2.13 14.30 12.58
CA VAL B 532 -1.64 15.52 11.92
C VAL B 532 -0.14 15.46 11.64
N LYS B 533 0.35 16.28 10.71
CA LYS B 533 1.77 16.34 10.35
C LYS B 533 2.23 17.77 10.12
N LEU B 534 3.43 18.09 10.62
CA LEU B 534 4.07 19.37 10.42
C LEU B 534 4.64 19.36 9.01
N GLY B 535 4.35 20.42 8.25
CA GLY B 535 5.01 20.66 6.99
C GLY B 535 5.65 22.05 6.97
N ASP B 536 5.76 22.60 5.77
CA ASP B 536 6.40 23.89 5.49
C ASP B 536 7.81 24.02 6.07
N PHE B 537 8.78 23.48 5.34
CA PHE B 537 10.18 23.57 5.72
C PHE B 537 10.97 24.53 4.82
N GLY B 538 10.30 25.58 4.36
CA GLY B 538 10.93 26.64 3.58
C GLY B 538 11.82 27.54 4.42
N LEU B 539 11.41 27.79 5.65
CA LEU B 539 12.16 28.66 6.57
C LEU B 539 13.08 27.91 7.56
N SER B 540 13.05 26.57 7.51
CA SER B 540 13.74 25.71 8.49
C SER B 540 15.27 25.70 8.31
N ARG B 541 15.98 25.87 9.42
CA ARG B 541 17.44 25.92 9.41
C ARG B 541 18.10 25.02 10.45
N TYR B 542 19.26 24.48 10.07
CA TYR B 542 20.04 23.65 10.97
C TYR B 542 20.96 24.55 11.77
N MET B 543 20.77 24.54 13.09
CA MET B 543 21.69 25.20 14.00
C MET B 543 22.94 24.35 14.19
N GLU B 544 24.11 24.96 14.04
CA GLU B 544 25.35 24.34 14.49
C GLU B 544 25.32 24.31 16.02
N ASP B 545 24.08 24.28 16.53
CA ASP B 545 23.73 24.47 17.95
C ASP B 545 24.14 25.85 18.48
N SER B 546 25.00 26.55 17.74
CA SER B 546 25.56 27.84 18.18
C SER B 546 24.55 28.98 18.10
N THR B 547 23.90 29.24 19.26
CA THR B 547 23.06 30.43 19.47
C THR B 547 21.87 30.57 18.50
N TYR B 548 21.94 31.56 17.60
CA TYR B 548 20.81 31.98 16.81
C TYR B 548 20.74 31.48 15.33
N TYR B 549 19.75 31.99 14.61
CA TYR B 549 19.77 32.13 13.16
C TYR B 549 19.66 33.63 12.81
N LYS B 550 19.98 33.97 11.56
CA LYS B 550 19.90 35.36 11.06
C LYS B 550 18.51 35.73 10.54
N ALA B 551 18.47 36.58 9.51
CA ALA B 551 17.22 37.02 8.86
C ALA B 551 17.46 37.45 7.42
N SER B 552 16.48 37.18 6.56
CA SER B 552 16.56 37.54 5.14
C SER B 552 15.44 38.50 4.74
N LYS B 553 14.31 37.96 4.29
CA LYS B 553 13.17 38.80 3.83
C LYS B 553 11.86 38.01 3.94
N GLY B 554 10.72 38.71 3.85
CA GLY B 554 9.38 38.09 3.93
C GLY B 554 8.55 38.71 5.05
N LYS B 555 7.27 38.93 4.78
CA LYS B 555 6.33 39.53 5.78
C LYS B 555 5.75 38.43 6.66
N LEU B 556 6.59 37.80 7.47
CA LEU B 556 6.14 36.72 8.39
C LEU B 556 5.15 37.33 9.38
N PRO B 557 4.04 36.65 9.74
CA PRO B 557 3.07 37.23 10.67
C PRO B 557 3.71 37.43 12.05
N ILE B 558 3.60 38.66 12.57
CA ILE B 558 4.13 39.11 13.89
C ILE B 558 3.33 38.48 15.03
N LYS B 559 2.00 38.40 14.93
CA LYS B 559 1.13 38.00 16.06
C LYS B 559 1.61 36.63 16.55
N TRP B 560 1.92 35.75 15.61
CA TRP B 560 2.46 34.39 15.86
C TRP B 560 3.90 34.45 16.40
N MET B 561 4.73 35.40 15.93
CA MET B 561 6.16 35.36 16.21
C MET B 561 6.46 35.66 17.67
N ALA B 562 7.67 35.28 18.08
CA ALA B 562 8.11 35.41 19.46
C ALA B 562 8.96 36.67 19.68
N PRO B 563 8.89 37.26 20.90
CA PRO B 563 9.38 38.64 21.08
C PRO B 563 10.85 38.86 20.77
N GLU B 564 11.70 38.04 21.37
CA GLU B 564 13.14 38.16 21.19
C GLU B 564 13.50 38.08 19.72
N SER B 565 12.79 37.26 18.96
CA SER B 565 13.08 37.12 17.55
C SER B 565 12.53 38.29 16.76
N ILE B 566 11.35 38.80 17.16
CA ILE B 566 10.83 40.04 16.57
C ILE B 566 11.88 41.13 16.68
N ASN B 567 12.54 41.18 17.82
CA ASN B 567 13.43 42.29 18.11
C ASN B 567 14.84 42.09 17.57
N PHE B 568 15.34 40.85 17.49
CA PHE B 568 16.75 40.62 17.24
C PHE B 568 17.05 39.46 16.29
N ARG B 569 16.06 38.95 15.56
CA ARG B 569 16.28 37.88 14.59
C ARG B 569 16.93 36.65 15.23
N ARG B 570 16.59 36.40 16.49
CA ARG B 570 17.15 35.30 17.27
C ARG B 570 16.08 34.21 17.36
N PHE B 571 16.13 33.27 16.42
CA PHE B 571 15.21 32.14 16.37
C PHE B 571 15.95 30.92 16.91
N THR B 572 15.52 30.44 18.08
CA THR B 572 16.12 29.26 18.70
C THR B 572 15.00 28.52 19.45
N SER B 573 15.41 27.63 20.36
CA SER B 573 14.45 26.88 21.18
C SER B 573 13.42 27.78 21.86
N ALA B 574 13.80 29.02 22.16
CA ALA B 574 12.89 29.95 22.79
C ALA B 574 11.66 30.23 21.92
N SER B 575 11.89 30.82 20.76
CA SER B 575 10.79 31.10 19.85
C SER B 575 10.14 29.83 19.36
N ASP B 576 10.90 28.73 19.34
CA ASP B 576 10.32 27.44 19.03
C ASP B 576 9.20 27.12 20.00
N VAL B 577 9.51 27.14 21.29
CA VAL B 577 8.51 26.89 22.31
C VAL B 577 7.39 27.92 22.23
N TRP B 578 7.72 29.17 21.89
CA TRP B 578 6.71 30.23 21.82
C TRP B 578 5.67 29.94 20.77
N MET B 579 6.12 29.88 19.52
CA MET B 579 5.18 29.66 18.44
C MET B 579 4.60 28.26 18.49
N PHE B 580 5.27 27.32 19.15
CA PHE B 580 4.64 26.05 19.48
C PHE B 580 3.43 26.27 20.35
N GLY B 581 3.54 27.17 21.31
CA GLY B 581 2.41 27.50 22.16
C GLY B 581 1.34 28.28 21.43
N VAL B 582 1.76 29.15 20.50
CA VAL B 582 0.81 29.83 19.63
C VAL B 582 0.02 28.80 18.86
N CYS B 583 0.70 27.76 18.41
CA CYS B 583 0.06 26.70 17.67
C CYS B 583 -0.90 25.91 18.54
N MET B 584 -0.44 25.49 19.72
CA MET B 584 -1.32 24.76 20.64
C MET B 584 -2.56 25.59 20.96
N TRP B 585 -2.34 26.88 21.21
CA TRP B 585 -3.42 27.80 21.46
C TRP B 585 -4.43 27.75 20.33
N GLU B 586 -4.00 28.14 19.13
CA GLU B 586 -4.91 28.27 18.00
C GLU B 586 -5.61 26.95 17.70
N ILE B 587 -4.92 25.81 17.90
CA ILE B 587 -5.58 24.52 17.75
C ILE B 587 -6.74 24.44 18.73
N LEU B 588 -6.48 24.80 19.98
CA LEU B 588 -7.53 24.74 20.96
C LEU B 588 -8.53 25.89 20.85
N MET B 589 -8.29 26.86 19.97
CA MET B 589 -9.18 28.00 19.82
C MET B 589 -10.38 27.70 18.96
N HIS B 590 -10.43 26.52 18.37
CA HIS B 590 -11.09 26.34 17.09
C HIS B 590 -10.50 27.30 16.06
N GLY B 591 -9.21 27.60 16.20
CA GLY B 591 -8.43 28.23 15.16
C GLY B 591 -8.92 29.59 14.70
N VAL B 592 -9.53 30.37 15.60
CA VAL B 592 -9.82 31.74 15.25
C VAL B 592 -8.51 32.52 15.23
N LYS B 593 -8.43 33.53 14.32
CA LYS B 593 -7.20 34.24 13.99
C LYS B 593 -6.54 34.81 15.27
N PRO B 594 -5.22 34.86 15.36
CA PRO B 594 -4.59 35.27 16.63
C PRO B 594 -4.65 36.78 16.85
N PHE B 595 -4.78 37.15 18.13
CA PHE B 595 -4.78 38.55 18.55
C PHE B 595 -5.82 39.33 17.75
N GLN B 596 -7.06 38.96 18.02
CA GLN B 596 -8.18 39.36 17.17
C GLN B 596 -8.35 40.88 17.24
N GLY B 597 -8.11 41.54 16.11
CA GLY B 597 -8.25 42.98 16.04
C GLY B 597 -7.12 43.70 16.74
N VAL B 598 -5.89 43.43 16.30
CA VAL B 598 -4.68 43.92 16.96
C VAL B 598 -3.70 44.38 15.89
N LYS B 599 -2.83 45.32 16.27
CA LYS B 599 -1.86 45.90 15.36
C LYS B 599 -0.45 45.48 15.76
N ASN B 600 0.30 44.99 14.78
CA ASN B 600 1.57 44.30 15.02
C ASN B 600 2.55 45.14 15.83
N ASN B 601 2.44 46.46 15.76
CA ASN B 601 3.28 47.31 16.59
C ASN B 601 2.80 47.29 18.03
N ASP B 602 1.48 47.38 18.22
CA ASP B 602 0.91 47.31 19.56
C ASP B 602 1.17 45.96 20.20
N VAL B 603 1.34 44.93 19.37
CA VAL B 603 1.57 43.57 19.86
C VAL B 603 2.76 43.55 20.79
N ILE B 604 3.92 43.96 20.29
CA ILE B 604 5.14 43.78 21.07
C ILE B 604 5.15 44.73 22.25
N GLY B 605 4.49 45.87 22.15
CA GLY B 605 4.35 46.73 23.31
C GLY B 605 3.57 46.07 24.42
N ARG B 606 2.45 45.43 24.07
CA ARG B 606 1.67 44.75 25.09
C ARG B 606 2.34 43.48 25.56
N ILE B 607 3.25 42.92 24.76
CA ILE B 607 4.10 41.85 25.25
C ILE B 607 5.05 42.40 26.31
N GLU B 608 5.62 43.57 26.04
CA GLU B 608 6.43 44.24 27.05
C GLU B 608 5.61 44.57 28.29
N ASN B 609 4.29 44.66 28.13
CA ASN B 609 3.38 44.60 29.27
C ASN B 609 3.05 43.18 29.71
N GLY B 610 3.85 42.18 29.28
CA GLY B 610 3.69 40.80 29.65
C GLY B 610 2.31 40.23 29.43
N GLU B 611 1.58 40.79 28.48
CA GLU B 611 0.22 40.36 28.26
C GLU B 611 0.18 39.06 27.46
N ARG B 612 -0.60 38.11 27.95
CA ARG B 612 -0.84 36.86 27.26
C ARG B 612 -2.33 36.72 27.01
N LEU B 613 -2.66 35.84 26.07
CA LEU B 613 -4.02 35.80 25.59
C LEU B 613 -4.90 34.96 26.51
N PRO B 614 -6.19 35.27 26.58
CA PRO B 614 -7.04 34.63 27.59
C PRO B 614 -7.21 33.15 27.31
N MET B 615 -7.55 32.45 28.38
CA MET B 615 -7.90 31.07 28.26
C MET B 615 -9.10 30.91 27.32
N PRO B 616 -9.23 29.78 26.64
CA PRO B 616 -10.46 29.51 25.89
C PRO B 616 -11.64 29.23 26.80
N PRO B 617 -12.84 29.20 26.26
CA PRO B 617 -13.92 28.47 26.92
C PRO B 617 -13.59 27.00 26.96
N ASN B 618 -14.01 26.34 28.04
CA ASN B 618 -13.93 24.90 28.17
C ASN B 618 -12.49 24.39 28.10
N CYS B 619 -11.57 25.19 28.59
CA CYS B 619 -10.16 24.81 28.52
C CYS B 619 -9.76 24.05 29.78
N PRO B 620 -9.14 22.88 29.68
CA PRO B 620 -8.76 22.14 30.89
C PRO B 620 -7.46 22.63 31.51
N PRO B 621 -7.26 22.28 32.78
CA PRO B 621 -6.28 22.98 33.63
C PRO B 621 -4.84 22.79 33.26
N THR B 622 -4.36 21.54 33.25
CA THR B 622 -2.93 21.32 33.12
C THR B 622 -2.48 21.60 31.70
N LEU B 623 -3.36 21.37 30.73
CA LEU B 623 -3.09 21.78 29.36
C LEU B 623 -2.87 23.29 29.30
N TYR B 624 -3.79 24.07 29.88
CA TYR B 624 -3.55 25.51 29.91
C TYR B 624 -2.33 25.87 30.72
N SER B 625 -2.06 25.10 31.77
CA SER B 625 -0.92 25.38 32.62
C SER B 625 0.36 25.28 31.83
N LEU B 626 0.49 24.23 31.04
CA LEU B 626 1.66 24.07 30.20
C LEU B 626 1.72 25.17 29.13
N MET B 627 0.55 25.60 28.63
CA MET B 627 0.54 26.74 27.73
C MET B 627 1.15 27.96 28.40
N THR B 628 0.80 28.17 29.65
CA THR B 628 1.35 29.30 30.38
C THR B 628 2.83 29.12 30.66
N LYS B 629 3.26 27.88 30.91
CA LYS B 629 4.69 27.60 31.08
C LYS B 629 5.45 28.02 29.84
N CYS B 630 4.88 27.75 28.67
CA CYS B 630 5.48 28.21 27.44
C CYS B 630 5.31 29.71 27.25
N TRP B 631 4.36 30.32 27.95
CA TRP B 631 4.18 31.76 27.89
C TRP B 631 5.16 32.53 28.75
N ALA B 632 6.17 31.89 29.31
CA ALA B 632 7.10 32.58 30.17
C ALA B 632 7.88 33.64 29.39
N TYR B 633 7.78 34.89 29.83
CA TYR B 633 8.57 35.95 29.19
C TYR B 633 10.06 35.76 29.38
N ASP B 634 10.48 34.83 30.24
CA ASP B 634 11.85 34.33 30.21
C ASP B 634 11.97 33.31 29.09
N PRO B 635 12.55 33.68 27.93
CA PRO B 635 12.66 32.72 26.85
C PRO B 635 13.52 31.52 27.20
N SER B 636 14.54 31.74 28.04
CA SER B 636 15.40 30.65 28.43
C SER B 636 14.64 29.59 29.22
N ARG B 637 13.61 30.00 29.95
CA ARG B 637 12.90 29.13 30.87
C ARG B 637 11.53 28.72 30.37
N ARG B 638 11.11 29.18 29.21
CA ARG B 638 9.99 28.50 28.55
C ARG B 638 10.41 27.05 28.36
N PRO B 639 9.64 26.08 28.89
CA PRO B 639 9.98 24.65 28.80
C PRO B 639 9.99 24.10 27.36
N ARG B 640 10.79 23.05 27.13
CA ARG B 640 10.97 22.43 25.80
C ARG B 640 9.74 21.58 25.42
N PHE B 641 9.66 21.24 24.13
CA PHE B 641 8.56 20.44 23.54
C PHE B 641 8.60 19.00 24.07
N THR B 642 9.79 18.43 24.23
CA THR B 642 10.00 17.04 24.71
C THR B 642 9.35 16.90 26.10
N GLU B 643 9.53 17.91 26.96
CA GLU B 643 8.95 17.98 28.32
C GLU B 643 7.45 18.28 28.20
N LEU B 644 7.10 19.19 27.28
CA LEU B 644 5.67 19.50 27.00
C LEU B 644 4.96 18.24 26.49
N LYS B 645 5.64 17.48 25.61
CA LYS B 645 5.08 16.23 25.04
C LYS B 645 4.84 15.23 26.17
N ALA B 646 5.79 15.14 27.11
CA ALA B 646 5.64 14.23 28.27
C ALA B 646 4.42 14.69 29.07
N GLN B 647 4.26 16.01 29.20
CA GLN B 647 3.13 16.63 29.91
C GLN B 647 1.84 16.49 29.11
N LEU B 648 1.93 16.65 27.79
CA LEU B 648 0.77 16.49 26.92
C LEU B 648 0.26 15.05 26.95
N SER B 649 1.20 14.11 26.99
CA SER B 649 0.89 12.70 27.10
C SER B 649 0.07 12.41 28.37
N THR B 650 0.43 13.08 29.46
CA THR B 650 -0.22 12.93 30.76
C THR B 650 -1.60 13.59 30.79
N ILE B 651 -1.68 14.81 30.23
CA ILE B 651 -2.94 15.55 30.12
C ILE B 651 -3.96 14.83 29.21
N LEU B 652 -3.46 14.23 28.13
CA LEU B 652 -4.29 13.43 27.22
C LEU B 652 -4.92 12.21 27.91
N GLU B 653 -4.15 11.49 28.71
CA GLU B 653 -4.65 10.35 29.47
C GLU B 653 -5.70 10.76 30.51
N GLU B 654 -5.45 11.87 31.20
CA GLU B 654 -6.40 12.39 32.18
C GLU B 654 -7.74 12.78 31.53
N GLU B 655 -7.67 13.39 30.35
CA GLU B 655 -8.88 13.76 29.61
C GLU B 655 -9.68 12.52 29.15
N LYS B 656 -8.99 11.55 28.55
CA LYS B 656 -9.63 10.30 28.13
C LYS B 656 -10.15 9.49 29.31
N LEU B 657 -9.44 9.57 30.45
CA LEU B 657 -9.86 8.92 31.68
C LEU B 657 -11.07 9.61 32.34
N GLN B 658 -10.98 10.93 32.47
CA GLN B 658 -12.07 11.74 33.03
C GLN B 658 -12.78 12.53 31.94
#